data_2RJS
#
_entry.id   2RJS
#
_cell.length_a   92.494
_cell.length_b   146.286
_cell.length_c   75.009
_cell.angle_alpha   90.000
_cell.angle_beta   90.000
_cell.angle_gamma   90.000
#
_symmetry.space_group_name_H-M   'P 21 21 2'
#
loop_
_entity.id
_entity.type
_entity.pdbx_description
1 polymer 'Tyrosine aminomutase'
2 non-polymer '(3R)-3-amino-2,2-difluoro-3-(4-methoxyphenyl)propanoic acid'
3 water water
#
_entity_poly.entity_id   1
_entity_poly.type   'polypeptide(L)'
_entity_poly.pdbx_seq_one_letter_code
;MALTQVETEIVPVSVDGETLTVEAVRRVAEERATVDVPAESIAKAQKSREIFEGIAEQNIPIYGVTTGYGEMIYMQVDKS
KEVELQTNLVRSHSAGVGPLFAEDEARAIVAARLNTLAKGHSAVRPIILERLAQYLNEGITPAIPEIGSLG(MDO)DLAP
LSHVASTLIGEGYVLRDGRPVETAQVLAERGIEPLELRFKEGLALINGTSGMTGLGSLVVGRALEQAQQAEIVTALLIEA
VRGSTSPFLAEGHDIARPHEGQIDTAANMRALMRGSGLTVEHADLRRELQKDKEAGKDVQRSEIYLQKAYSLRAIPQVVG
AVRDTLYHARHKLRIELNSANDNPLFFEGKEIFHGANFHGQPIAFAMDFVTIALTQLGVLAERQINRVLNRHLSYGLPEF
LVSGDPGLHSGFAGAQYPATALVAENRTIGPASTQSVPSNGDNQDVVSMGLISARNARRVLSNNNKILAVEYLAAAQAVD
ISGRFDGLSPAAKATYEAVRRLVPTLGVDRYMADDIELVADALSRGEFLRAIARETDIQLR
;
_entity_poly.pdbx_strand_id   A,B
#
loop_
_chem_comp.id
_chem_comp.type
_chem_comp.name
_chem_comp.formula
296 non-polymer '(3R)-3-amino-2,2-difluoro-3-(4-methoxyphenyl)propanoic acid' 'C10 H11 F2 N O3'
#
# COMPACT_ATOMS: atom_id res chain seq x y z
N PRO A 12 -12.16 30.41 -6.76
CA PRO A 12 -11.01 30.70 -5.89
C PRO A 12 -10.80 29.54 -4.93
N VAL A 13 -9.60 28.99 -4.90
CA VAL A 13 -9.32 27.87 -4.02
C VAL A 13 -8.91 28.41 -2.65
N SER A 14 -9.64 27.98 -1.62
CA SER A 14 -9.35 28.43 -0.27
C SER A 14 -8.24 27.59 0.36
N VAL A 15 -7.15 28.25 0.71
CA VAL A 15 -5.99 27.59 1.33
C VAL A 15 -5.98 27.97 2.81
N ASP A 16 -6.60 27.12 3.62
CA ASP A 16 -6.74 27.35 5.06
C ASP A 16 -6.04 26.34 5.97
N GLY A 17 -5.32 25.39 5.39
CA GLY A 17 -4.65 24.38 6.20
C GLY A 17 -5.62 23.45 6.90
N GLU A 18 -6.89 23.49 6.47
CA GLU A 18 -7.91 22.67 7.09
C GLU A 18 -8.81 21.91 6.10
N THR A 19 -9.20 22.57 5.01
CA THR A 19 -10.11 21.95 4.05
C THR A 19 -9.60 21.70 2.64
N LEU A 20 -8.30 21.89 2.41
CA LEU A 20 -7.75 21.70 1.07
C LEU A 20 -7.87 20.26 0.59
N THR A 21 -8.23 20.08 -0.68
CA THR A 21 -8.37 18.75 -1.25
C THR A 21 -7.37 18.52 -2.36
N VAL A 22 -7.18 17.25 -2.72
CA VAL A 22 -6.26 16.90 -3.78
C VAL A 22 -6.68 17.58 -5.08
N GLU A 23 -7.97 17.54 -5.40
CA GLU A 23 -8.46 18.18 -6.63
C GLU A 23 -8.26 19.69 -6.59
N ALA A 24 -8.46 20.28 -5.42
CA ALA A 24 -8.27 21.72 -5.27
C ALA A 24 -6.83 22.04 -5.70
N VAL A 25 -5.89 21.23 -5.20
CA VAL A 25 -4.49 21.39 -5.52
C VAL A 25 -4.25 21.33 -7.03
N ARG A 26 -4.86 20.37 -7.69
CA ARG A 26 -4.69 20.24 -9.14
C ARG A 26 -5.20 21.48 -9.88
N ARG A 27 -6.38 21.95 -9.49
CA ARG A 27 -6.95 23.16 -10.11
C ARG A 27 -5.92 24.29 -10.01
N VAL A 28 -5.35 24.48 -8.83
CA VAL A 28 -4.36 25.53 -8.61
C VAL A 28 -3.09 25.28 -9.43
N ALA A 29 -2.65 24.04 -9.48
CA ALA A 29 -1.43 23.69 -10.22
C ALA A 29 -1.60 23.61 -11.75
N GLU A 30 -2.62 22.87 -12.21
CA GLU A 30 -2.84 22.69 -13.64
C GLU A 30 -3.65 23.78 -14.31
N GLU A 31 -4.74 24.19 -13.67
CA GLU A 31 -5.62 25.21 -14.23
C GLU A 31 -5.34 26.63 -13.75
N ARG A 32 -4.24 26.80 -13.04
CA ARG A 32 -3.86 28.13 -12.56
C ARG A 32 -5.03 28.82 -11.86
N ALA A 33 -5.74 28.08 -11.02
CA ALA A 33 -6.86 28.66 -10.28
C ALA A 33 -6.27 29.59 -9.21
N THR A 34 -7.00 30.66 -8.90
CA THR A 34 -6.57 31.63 -7.90
C THR A 34 -6.64 31.06 -6.49
N VAL A 35 -5.67 31.40 -5.65
CA VAL A 35 -5.68 30.92 -4.27
C VAL A 35 -5.96 32.10 -3.35
N ASP A 36 -6.58 31.82 -2.22
CA ASP A 36 -6.89 32.87 -1.25
C ASP A 36 -6.74 32.35 0.16
N VAL A 37 -5.94 33.04 0.97
CA VAL A 37 -5.76 32.66 2.36
C VAL A 37 -6.87 33.38 3.13
N PRO A 38 -7.73 32.61 3.83
CA PRO A 38 -8.84 33.17 4.61
C PRO A 38 -8.35 34.09 5.74
N ALA A 39 -9.13 35.13 6.02
CA ALA A 39 -8.79 36.09 7.07
C ALA A 39 -8.59 35.38 8.39
N GLU A 40 -9.39 34.34 8.61
CA GLU A 40 -9.32 33.56 9.83
C GLU A 40 -7.94 32.92 9.94
N SER A 41 -7.44 32.38 8.83
CA SER A 41 -6.13 31.75 8.81
C SER A 41 -5.03 32.80 8.95
N ILE A 42 -5.15 33.88 8.18
CA ILE A 42 -4.17 34.95 8.23
C ILE A 42 -4.16 35.63 9.60
N ALA A 43 -5.29 35.53 10.32
CA ALA A 43 -5.43 36.12 11.64
C ALA A 43 -4.89 35.20 12.73
N LYS A 44 -5.27 33.91 12.68
CA LYS A 44 -4.78 32.96 13.66
C LYS A 44 -3.29 32.73 13.47
N ALA A 45 -2.77 33.26 12.34
CA ALA A 45 -1.35 33.13 12.00
C ALA A 45 -0.58 34.28 12.64
N GLN A 46 -1.17 35.47 12.63
CA GLN A 46 -0.54 36.65 13.20
C GLN A 46 -0.46 36.48 14.73
N LYS A 47 -1.48 35.89 15.30
CA LYS A 47 -1.54 35.66 16.75
C LYS A 47 -0.37 34.79 17.17
N SER A 48 -0.32 33.57 16.64
CA SER A 48 0.75 32.63 16.94
C SER A 48 2.08 33.37 16.80
N ARG A 49 2.23 34.04 15.67
CA ARG A 49 3.43 34.80 15.37
C ARG A 49 3.75 35.79 16.48
N GLU A 50 2.73 36.46 16.98
CA GLU A 50 2.89 37.45 18.04
C GLU A 50 3.41 36.83 19.33
N ILE A 51 2.78 35.75 19.77
CA ILE A 51 3.20 35.08 21.00
C ILE A 51 4.59 34.47 20.83
N PHE A 52 4.76 33.70 19.76
CA PHE A 52 6.04 33.05 19.47
C PHE A 52 7.19 34.05 19.46
N GLU A 53 6.97 35.17 18.79
CA GLU A 53 7.98 36.23 18.69
C GLU A 53 8.39 36.74 20.07
N GLY A 54 7.44 36.75 21.00
CA GLY A 54 7.74 37.22 22.35
C GLY A 54 8.49 36.14 23.12
N ILE A 55 8.45 34.93 22.59
CA ILE A 55 9.13 33.79 23.20
C ILE A 55 10.59 33.78 22.77
N ALA A 56 10.83 34.15 21.51
CA ALA A 56 12.19 34.19 20.96
C ALA A 56 12.99 35.38 21.49
N GLU A 57 12.28 36.40 21.99
CA GLU A 57 12.92 37.60 22.53
C GLU A 57 13.66 37.28 23.83
N GLN A 58 13.17 36.27 24.53
CA GLN A 58 13.76 35.85 25.79
C GLN A 58 14.96 34.94 25.55
N ASN A 59 15.42 34.88 24.31
CA ASN A 59 16.56 34.05 23.96
C ASN A 59 16.57 32.68 24.64
N ILE A 60 15.40 32.04 24.69
CA ILE A 60 15.31 30.65 25.13
C ILE A 60 15.56 29.66 23.99
N PRO A 61 16.06 28.48 24.35
CA PRO A 61 16.35 27.44 23.36
C PRO A 61 15.14 27.04 22.52
N ILE A 62 15.25 27.24 21.21
CA ILE A 62 14.21 26.87 20.29
C ILE A 62 14.91 26.35 19.04
N TYR A 63 14.64 25.09 18.68
CA TYR A 63 15.27 24.50 17.52
C TYR A 63 15.04 25.30 16.25
N GLY A 64 16.11 25.55 15.52
CA GLY A 64 16.00 26.29 14.28
C GLY A 64 15.86 27.79 14.44
N VAL A 65 15.55 28.23 15.65
CA VAL A 65 15.39 29.65 15.90
C VAL A 65 16.57 30.21 16.69
N THR A 66 17.05 29.43 17.66
CA THR A 66 18.19 29.84 18.48
C THR A 66 19.14 28.67 18.71
N THR A 67 19.27 27.80 17.70
CA THR A 67 20.15 26.65 17.78
C THR A 67 20.63 26.30 16.36
N GLY A 68 21.58 25.38 16.26
CA GLY A 68 22.07 24.97 14.96
C GLY A 68 21.02 24.07 14.33
N TYR A 69 21.26 23.63 13.11
CA TYR A 69 20.31 22.76 12.41
C TYR A 69 20.78 21.30 12.32
N GLY A 70 19.84 20.38 12.45
CA GLY A 70 20.17 18.97 12.40
C GLY A 70 21.03 18.56 13.58
N GLU A 71 22.17 17.93 13.28
CA GLU A 71 23.10 17.47 14.30
C GLU A 71 23.76 18.61 15.06
N MET A 72 23.84 19.78 14.44
CA MET A 72 24.47 20.95 15.08
C MET A 72 23.54 21.69 16.02
N ILE A 73 22.47 21.00 16.43
CA ILE A 73 21.49 21.59 17.34
C ILE A 73 22.16 21.90 18.68
N TYR A 74 23.35 21.33 18.89
CA TYR A 74 24.06 21.58 20.13
C TYR A 74 24.66 22.98 20.10
N MET A 75 24.75 23.57 18.91
CA MET A 75 25.28 24.92 18.77
C MET A 75 24.20 25.93 19.17
N GLN A 76 24.42 26.63 20.28
CA GLN A 76 23.45 27.62 20.74
C GLN A 76 23.71 28.93 20.00
N VAL A 77 22.66 29.52 19.44
CA VAL A 77 22.77 30.75 18.69
C VAL A 77 21.93 31.88 19.29
N ASP A 78 22.56 33.03 19.53
CA ASP A 78 21.89 34.18 20.11
C ASP A 78 20.95 34.85 19.12
N LYS A 79 19.87 35.43 19.66
CA LYS A 79 18.84 36.09 18.86
C LYS A 79 19.27 37.25 17.94
N SER A 80 20.48 37.76 18.13
CA SER A 80 20.96 38.85 17.27
C SER A 80 21.33 38.32 15.89
N LYS A 81 21.28 37.01 15.73
CA LYS A 81 21.64 36.36 14.48
C LYS A 81 20.38 35.89 13.76
N GLU A 82 19.24 36.44 14.18
CA GLU A 82 17.95 36.09 13.63
C GLU A 82 17.88 35.86 12.12
N VAL A 83 18.09 36.92 11.36
CA VAL A 83 18.02 36.89 9.90
C VAL A 83 19.14 36.06 9.26
N GLU A 84 20.32 36.10 9.85
CA GLU A 84 21.46 35.37 9.32
C GLU A 84 21.26 33.85 9.39
N LEU A 85 20.75 33.38 10.53
CA LEU A 85 20.55 31.96 10.74
C LEU A 85 19.63 31.36 9.69
N GLN A 86 18.43 31.91 9.61
CA GLN A 86 17.42 31.44 8.65
C GLN A 86 17.94 31.50 7.22
N THR A 87 18.74 32.52 6.92
CA THR A 87 19.28 32.70 5.57
C THR A 87 20.37 31.70 5.21
N ASN A 88 21.39 31.58 6.05
CA ASN A 88 22.46 30.63 5.80
C ASN A 88 21.86 29.26 5.54
N LEU A 89 20.84 28.91 6.31
CA LEU A 89 20.15 27.64 6.19
C LEU A 89 19.58 27.44 4.79
N VAL A 90 18.74 28.38 4.36
CA VAL A 90 18.13 28.31 3.03
C VAL A 90 19.19 28.28 1.93
N ARG A 91 20.27 29.03 2.10
CA ARG A 91 21.30 29.04 1.07
C ARG A 91 22.16 27.78 1.08
N SER A 92 22.53 27.30 2.27
CA SER A 92 23.37 26.12 2.37
C SER A 92 22.63 24.82 2.12
N HIS A 93 21.31 24.86 2.08
CA HIS A 93 20.55 23.65 1.82
C HIS A 93 20.00 23.62 0.40
N SER A 94 20.10 24.75 -0.31
CA SER A 94 19.65 24.79 -1.69
C SER A 94 20.73 24.05 -2.48
N ALA A 95 20.77 22.73 -2.29
CA ALA A 95 21.75 21.87 -2.93
C ALA A 95 21.07 20.82 -3.79
N GLY A 96 19.96 21.19 -4.41
CA GLY A 96 19.23 20.25 -5.23
C GLY A 96 19.85 20.02 -6.59
N VAL A 97 19.75 18.80 -7.10
CA VAL A 97 20.32 18.48 -8.42
C VAL A 97 19.30 17.75 -9.31
N GLY A 98 19.74 17.44 -10.52
CA GLY A 98 18.87 16.76 -11.45
C GLY A 98 18.03 17.76 -12.21
N PRO A 99 16.98 17.28 -12.91
CA PRO A 99 16.05 18.10 -13.70
C PRO A 99 15.21 19.01 -12.80
N LEU A 100 14.56 19.99 -13.41
CA LEU A 100 13.70 20.92 -12.69
C LEU A 100 12.28 20.42 -12.79
N PHE A 101 11.50 20.57 -11.72
CA PHE A 101 10.11 20.15 -11.77
C PHE A 101 9.37 21.00 -12.79
N ALA A 102 8.31 20.46 -13.39
CA ALA A 102 7.53 21.21 -14.36
C ALA A 102 6.78 22.31 -13.63
N GLU A 103 6.32 23.30 -14.37
CA GLU A 103 5.59 24.43 -13.80
C GLU A 103 4.43 23.96 -12.91
N ASP A 104 3.59 23.06 -13.41
CA ASP A 104 2.47 22.58 -12.62
C ASP A 104 2.92 21.79 -11.37
N GLU A 105 4.04 21.10 -11.46
CA GLU A 105 4.55 20.34 -10.32
C GLU A 105 5.05 21.31 -9.26
N ALA A 106 5.79 22.31 -9.69
CA ALA A 106 6.33 23.32 -8.79
C ALA A 106 5.20 24.05 -8.06
N ARG A 107 4.15 24.41 -8.79
CA ARG A 107 3.03 25.12 -8.18
C ARG A 107 2.34 24.24 -7.12
N ALA A 108 2.21 22.96 -7.43
CA ALA A 108 1.58 22.03 -6.49
C ALA A 108 2.37 22.03 -5.20
N ILE A 109 3.68 22.06 -5.31
CA ILE A 109 4.53 22.06 -4.14
C ILE A 109 4.35 23.33 -3.30
N VAL A 110 4.42 24.50 -3.94
CA VAL A 110 4.23 25.78 -3.24
C VAL A 110 2.86 25.82 -2.55
N ALA A 111 1.83 25.31 -3.22
CA ALA A 111 0.48 25.32 -2.64
C ALA A 111 0.43 24.53 -1.34
N ALA A 112 1.04 23.35 -1.36
CA ALA A 112 1.06 22.45 -0.21
C ALA A 112 1.80 23.06 0.98
N ARG A 113 2.83 23.86 0.68
CA ARG A 113 3.60 24.51 1.74
C ARG A 113 2.77 25.62 2.39
N LEU A 114 2.19 26.46 1.55
CA LEU A 114 1.35 27.56 2.00
C LEU A 114 0.22 27.05 2.89
N ASN A 115 -0.41 25.96 2.44
CA ASN A 115 -1.51 25.35 3.17
C ASN A 115 -1.06 24.86 4.54
N THR A 116 0.19 24.41 4.63
CA THR A 116 0.73 23.95 5.90
C THR A 116 0.86 25.13 6.84
N LEU A 117 1.45 26.22 6.36
CA LEU A 117 1.65 27.41 7.18
C LEU A 117 0.31 28.07 7.51
N ALA A 118 -0.63 27.93 6.60
CA ALA A 118 -1.96 28.51 6.77
C ALA A 118 -2.72 27.81 7.88
N LYS A 119 -2.19 26.68 8.35
CA LYS A 119 -2.86 25.96 9.45
C LYS A 119 -2.61 26.77 10.72
N GLY A 120 -1.56 27.58 10.71
CA GLY A 120 -1.27 28.44 11.85
C GLY A 120 -0.42 27.93 13.00
N HIS A 121 0.23 26.80 12.82
CA HIS A 121 1.07 26.25 13.88
C HIS A 121 2.56 26.46 13.63
N SER A 122 2.90 27.08 12.50
CA SER A 122 4.29 27.31 12.16
C SER A 122 4.87 28.61 12.71
N ALA A 123 4.01 29.46 13.25
CA ALA A 123 4.42 30.73 13.84
C ALA A 123 5.26 31.64 12.93
N VAL A 124 4.90 31.68 11.65
CA VAL A 124 5.60 32.54 10.71
C VAL A 124 4.78 33.83 10.49
N ARG A 125 5.44 34.89 10.02
CA ARG A 125 4.74 36.15 9.76
C ARG A 125 3.74 35.97 8.63
N PRO A 126 2.58 36.64 8.73
CA PRO A 126 1.54 36.53 7.71
C PRO A 126 2.04 36.84 6.29
N ILE A 127 3.00 37.75 6.19
CA ILE A 127 3.54 38.15 4.89
C ILE A 127 4.16 37.00 4.09
N ILE A 128 4.58 35.94 4.80
CA ILE A 128 5.18 34.79 4.14
C ILE A 128 4.09 34.03 3.40
N LEU A 129 2.95 33.85 4.07
CA LEU A 129 1.82 33.16 3.47
C LEU A 129 1.35 34.03 2.32
N GLU A 130 1.28 35.33 2.57
CA GLU A 130 0.84 36.29 1.56
C GLU A 130 1.73 36.26 0.33
N ARG A 131 3.04 36.34 0.55
CA ARG A 131 4.01 36.32 -0.55
C ARG A 131 3.97 35.03 -1.36
N LEU A 132 3.72 33.89 -0.70
CA LEU A 132 3.64 32.61 -1.38
C LEU A 132 2.42 32.63 -2.29
N ALA A 133 1.30 33.11 -1.73
CA ALA A 133 0.05 33.21 -2.47
C ALA A 133 0.20 34.16 -3.66
N GLN A 134 1.08 35.15 -3.53
CA GLN A 134 1.28 36.10 -4.62
C GLN A 134 1.97 35.41 -5.79
N TYR A 135 3.06 34.71 -5.52
CA TYR A 135 3.78 33.99 -6.57
C TYR A 135 2.82 33.08 -7.35
N LEU A 136 1.97 32.37 -6.60
CA LEU A 136 1.00 31.46 -7.21
C LEU A 136 0.02 32.25 -8.07
N ASN A 137 -0.55 33.31 -7.50
CA ASN A 137 -1.51 34.13 -8.23
C ASN A 137 -0.89 34.99 -9.33
N GLU A 138 0.41 35.23 -9.28
CA GLU A 138 1.05 36.05 -10.31
C GLU A 138 1.83 35.28 -11.38
N GLY A 139 1.95 33.97 -11.21
CA GLY A 139 2.66 33.16 -12.19
C GLY A 139 4.17 33.05 -12.01
N ILE A 140 4.66 33.40 -10.83
CA ILE A 140 6.09 33.30 -10.54
C ILE A 140 6.34 31.90 -9.98
N THR A 141 6.88 31.02 -10.82
CA THR A 141 7.13 29.64 -10.42
C THR A 141 8.59 29.35 -10.08
N PRO A 142 8.85 28.84 -8.87
CA PRO A 142 10.24 28.54 -8.53
C PRO A 142 10.82 27.41 -9.36
N ALA A 143 12.10 27.53 -9.70
CA ALA A 143 12.77 26.49 -10.46
C ALA A 143 13.26 25.50 -9.41
N ILE A 144 12.55 24.39 -9.28
CA ILE A 144 12.88 23.38 -8.27
C ILE A 144 13.47 22.10 -8.84
N PRO A 145 14.72 21.78 -8.46
CA PRO A 145 15.35 20.57 -8.96
C PRO A 145 14.73 19.35 -8.26
N GLU A 146 14.55 18.26 -8.99
CA GLU A 146 13.90 17.05 -8.48
C GLU A 146 14.63 16.17 -7.48
N ILE A 147 15.95 16.23 -7.47
CA ILE A 147 16.74 15.38 -6.57
C ILE A 147 17.48 16.13 -5.46
N GLY A 148 17.45 15.54 -4.27
CA GLY A 148 18.11 16.15 -3.12
C GLY A 148 17.39 15.83 -1.83
N SER A 149 16.07 15.71 -1.91
CA SER A 149 15.23 15.40 -0.74
C SER A 149 15.34 13.97 -0.23
N LEU A 150 15.41 13.84 1.09
CA LEU A 150 15.48 12.53 1.74
C LEU A 150 14.11 12.23 2.37
N GLY A 151 13.14 13.06 2.03
CA GLY A 151 11.78 12.90 2.53
C GLY A 151 11.69 12.91 4.04
N1 MDO A 152 12.52 13.65 4.78
CA1 MDO A 152 12.17 14.02 6.16
C1 MDO A 152 12.80 15.38 6.50
CB MDO A 152 12.71 12.97 7.12
N2 MDO A 152 13.60 15.60 7.55
CA2 MDO A 152 13.85 16.90 7.57
C2 MDO A 152 13.18 17.49 6.50
O2 MDO A 152 13.09 18.82 6.23
CB2 MDO A 152 14.71 17.64 8.60
N3 MDO A 152 12.56 16.51 5.85
CA3 MDO A 152 11.76 16.67 4.64
C3 MDO A 152 12.63 16.48 3.40
O3 MDO A 152 13.81 16.78 3.33
N ASP A 153 11.66 17.08 2.67
CA ASP A 153 11.96 17.68 1.36
C ASP A 153 12.75 19.00 1.45
N LEU A 154 13.83 19.00 2.23
CA LEU A 154 14.69 20.16 2.45
C LEU A 154 15.21 20.94 1.24
N ALA A 155 16.01 20.29 0.40
CA ALA A 155 16.58 20.93 -0.78
C ALA A 155 15.54 21.51 -1.74
N PRO A 156 14.54 20.70 -2.14
CA PRO A 156 13.51 21.20 -3.07
C PRO A 156 12.82 22.44 -2.51
N LEU A 157 12.51 22.39 -1.22
CA LEU A 157 11.84 23.49 -0.55
C LEU A 157 12.80 24.63 -0.29
N SER A 158 14.11 24.33 -0.28
CA SER A 158 15.10 25.36 -0.06
C SER A 158 15.24 26.25 -1.31
N HIS A 159 14.94 25.68 -2.47
CA HIS A 159 15.02 26.45 -3.70
C HIS A 159 13.79 27.34 -3.78
N VAL A 160 12.71 26.90 -3.16
CA VAL A 160 11.49 27.67 -3.12
C VAL A 160 11.73 28.85 -2.17
N ALA A 161 12.11 28.53 -0.93
CA ALA A 161 12.39 29.54 0.09
C ALA A 161 13.36 30.59 -0.44
N SER A 162 14.21 30.19 -1.39
CA SER A 162 15.16 31.13 -1.96
C SER A 162 14.48 32.25 -2.75
N THR A 163 13.61 31.88 -3.68
CA THR A 163 12.92 32.87 -4.49
C THR A 163 12.19 33.92 -3.65
N LEU A 164 11.74 33.55 -2.46
CA LEU A 164 11.06 34.51 -1.59
C LEU A 164 12.02 35.57 -1.07
N ILE A 165 13.29 35.21 -0.90
CA ILE A 165 14.28 36.18 -0.43
C ILE A 165 15.09 36.73 -1.60
N GLY A 166 14.49 36.64 -2.80
CA GLY A 166 15.11 37.15 -3.99
C GLY A 166 16.33 36.39 -4.51
N GLU A 167 16.57 35.18 -4.01
CA GLU A 167 17.73 34.42 -4.48
C GLU A 167 17.31 33.15 -5.21
N GLY A 168 18.30 32.40 -5.68
CA GLY A 168 18.00 31.18 -6.41
C GLY A 168 17.52 31.50 -7.82
N TYR A 169 16.57 30.72 -8.31
CA TYR A 169 16.06 30.91 -9.66
C TYR A 169 14.57 30.62 -9.79
N VAL A 170 13.95 31.20 -10.83
CA VAL A 170 12.54 30.98 -11.09
C VAL A 170 12.44 30.30 -12.45
N LEU A 171 11.31 29.65 -12.69
CA LEU A 171 11.09 28.92 -13.93
C LEU A 171 10.40 29.74 -15.00
N ARG A 172 11.17 30.25 -15.95
CA ARG A 172 10.61 31.05 -17.03
C ARG A 172 10.71 30.40 -18.41
N ASP A 173 9.56 30.05 -18.97
CA ASP A 173 9.51 29.38 -20.27
C ASP A 173 10.44 28.18 -20.41
N GLY A 174 10.60 27.43 -19.34
CA GLY A 174 11.32 26.16 -19.39
C GLY A 174 12.74 26.21 -18.87
N ARG A 175 13.26 27.41 -18.63
CA ARG A 175 14.63 27.55 -18.15
C ARG A 175 14.59 28.30 -16.82
N PRO A 176 15.70 28.24 -16.07
CA PRO A 176 15.79 28.92 -14.78
C PRO A 176 16.45 30.29 -14.95
N VAL A 177 15.79 31.33 -14.47
CA VAL A 177 16.34 32.68 -14.56
C VAL A 177 16.41 33.28 -13.17
N GLU A 178 17.51 33.93 -12.84
CA GLU A 178 17.70 34.53 -11.54
C GLU A 178 16.48 35.23 -10.97
N THR A 179 16.13 34.88 -9.73
CA THR A 179 14.98 35.48 -9.07
C THR A 179 15.09 36.99 -9.05
N ALA A 180 16.29 37.50 -8.78
CA ALA A 180 16.54 38.94 -8.71
C ALA A 180 15.89 39.68 -9.88
N GLN A 181 16.31 39.38 -11.10
CA GLN A 181 15.74 40.04 -12.26
C GLN A 181 14.23 39.94 -12.28
N VAL A 182 13.71 38.72 -12.28
CA VAL A 182 12.27 38.48 -12.31
C VAL A 182 11.50 39.29 -11.27
N LEU A 183 12.01 39.34 -10.04
CA LEU A 183 11.34 40.08 -8.98
C LEU A 183 11.29 41.58 -9.27
N ALA A 184 12.44 42.17 -9.50
CA ALA A 184 12.51 43.59 -9.80
C ALA A 184 11.72 43.85 -11.09
N GLU A 185 11.69 42.87 -11.96
CA GLU A 185 10.98 42.97 -13.25
C GLU A 185 9.47 42.84 -13.09
N ARG A 186 9.01 42.68 -11.84
CA ARG A 186 7.58 42.54 -11.57
C ARG A 186 7.12 43.53 -10.50
N GLY A 187 8.07 44.30 -9.99
CA GLY A 187 7.74 45.27 -8.96
C GLY A 187 7.48 44.60 -7.64
N ILE A 188 8.35 43.66 -7.27
CA ILE A 188 8.23 42.94 -6.00
C ILE A 188 9.52 43.04 -5.21
N GLU A 189 9.41 43.46 -3.95
CA GLU A 189 10.57 43.59 -3.08
C GLU A 189 10.77 42.27 -2.35
N PRO A 190 11.96 41.64 -2.50
CA PRO A 190 12.18 40.38 -1.82
C PRO A 190 12.01 40.49 -0.30
N LEU A 191 11.59 39.39 0.32
CA LEU A 191 11.39 39.36 1.77
C LEU A 191 12.67 39.08 2.52
N GLU A 192 12.61 39.30 3.82
CA GLU A 192 13.72 39.05 4.71
C GLU A 192 13.24 38.07 5.76
N LEU A 193 13.89 36.91 5.84
CA LEU A 193 13.52 35.86 6.78
C LEU A 193 13.80 36.09 8.26
N ARG A 194 12.74 36.13 9.05
CA ARG A 194 12.85 36.32 10.49
C ARG A 194 12.97 35.01 11.27
N PHE A 195 12.70 35.06 12.57
CA PHE A 195 12.80 33.88 13.43
C PHE A 195 11.97 32.72 12.88
N LYS A 196 12.62 31.57 12.67
CA LYS A 196 11.93 30.37 12.20
C LYS A 196 11.14 30.47 10.90
N GLU A 197 11.45 31.45 10.06
CA GLU A 197 10.73 31.62 8.80
C GLU A 197 11.43 30.78 7.73
N GLY A 198 12.75 30.67 7.83
CA GLY A 198 13.49 29.88 6.87
C GLY A 198 13.22 28.41 7.10
N LEU A 199 13.30 27.99 8.36
CA LEU A 199 13.07 26.61 8.74
C LEU A 199 11.67 26.13 8.35
N ALA A 200 10.66 26.96 8.63
CA ALA A 200 9.28 26.64 8.35
C ALA A 200 9.00 26.47 6.86
N LEU A 201 9.68 27.26 6.03
CA LEU A 201 9.48 27.17 4.60
C LEU A 201 10.02 25.88 3.98
N ILE A 202 11.09 25.35 4.58
CA ILE A 202 11.72 24.15 4.04
C ILE A 202 11.52 22.88 4.87
N ASN A 203 10.99 22.99 6.07
CA ASN A 203 10.84 21.82 6.93
C ASN A 203 9.50 21.05 6.86
N GLY A 204 9.29 20.32 5.78
CA GLY A 204 8.05 19.58 5.64
C GLY A 204 8.03 18.62 4.46
N THR A 205 6.88 18.03 4.21
CA THR A 205 6.70 17.07 3.13
C THR A 205 5.97 17.69 1.96
N SER A 206 6.12 18.99 1.75
CA SER A 206 5.41 19.64 0.66
C SER A 206 5.80 19.18 -0.74
N GLY A 207 7.05 18.76 -0.92
CA GLY A 207 7.47 18.31 -2.23
C GLY A 207 6.74 17.04 -2.61
N MET A 208 6.83 16.02 -1.75
CA MET A 208 6.19 14.73 -1.99
C MET A 208 4.67 14.81 -1.91
N THR A 209 4.18 15.64 -1.00
CA THR A 209 2.73 15.80 -0.83
C THR A 209 2.13 16.59 -2.00
N GLY A 210 2.91 17.54 -2.54
CA GLY A 210 2.43 18.32 -3.67
C GLY A 210 2.41 17.45 -4.92
N LEU A 211 3.58 16.90 -5.27
CA LEU A 211 3.69 16.04 -6.43
C LEU A 211 2.75 14.84 -6.26
N GLY A 212 2.76 14.25 -5.08
CA GLY A 212 1.89 13.11 -4.82
C GLY A 212 0.45 13.42 -5.16
N SER A 213 0.01 14.64 -4.81
CA SER A 213 -1.37 15.08 -5.07
C SER A 213 -1.68 15.05 -6.57
N LEU A 214 -0.80 15.65 -7.37
CA LEU A 214 -0.98 15.67 -8.81
C LEU A 214 -1.05 14.24 -9.36
N VAL A 215 -0.13 13.39 -8.89
CA VAL A 215 -0.07 12.01 -9.35
C VAL A 215 -1.30 11.17 -8.98
N VAL A 216 -1.74 11.24 -7.73
CA VAL A 216 -2.91 10.45 -7.34
C VAL A 216 -4.14 10.95 -8.09
N GLY A 217 -4.30 12.27 -8.14
CA GLY A 217 -5.43 12.83 -8.86
C GLY A 217 -5.48 12.32 -10.30
N ARG A 218 -4.34 12.38 -10.98
CA ARG A 218 -4.26 11.93 -12.36
C ARG A 218 -4.37 10.40 -12.45
N ALA A 219 -3.88 9.72 -11.42
CA ALA A 219 -3.93 8.25 -11.39
C ALA A 219 -5.38 7.81 -11.44
N LEU A 220 -6.22 8.52 -10.69
CA LEU A 220 -7.64 8.20 -10.66
C LEU A 220 -8.29 8.35 -12.03
N GLU A 221 -7.92 9.40 -12.76
CA GLU A 221 -8.49 9.62 -14.09
C GLU A 221 -7.98 8.57 -15.06
N GLN A 222 -6.77 8.06 -14.79
CA GLN A 222 -6.18 7.03 -15.65
C GLN A 222 -6.96 5.73 -15.46
N ALA A 223 -7.41 5.48 -14.24
CA ALA A 223 -8.19 4.28 -13.95
C ALA A 223 -9.52 4.40 -14.69
N GLN A 224 -10.10 5.60 -14.67
CA GLN A 224 -11.36 5.85 -15.34
C GLN A 224 -11.17 5.70 -16.84
N GLN A 225 -10.03 6.16 -17.34
CA GLN A 225 -9.74 6.05 -18.76
C GLN A 225 -9.36 4.62 -19.15
N ALA A 226 -8.83 3.87 -18.18
CA ALA A 226 -8.49 2.48 -18.44
C ALA A 226 -9.84 1.79 -18.61
N GLU A 227 -10.78 2.16 -17.74
CA GLU A 227 -12.11 1.60 -17.77
C GLU A 227 -12.82 1.93 -19.09
N ILE A 228 -12.72 3.17 -19.53
CA ILE A 228 -13.33 3.60 -20.79
C ILE A 228 -12.87 2.74 -21.96
N VAL A 229 -11.56 2.69 -22.23
CA VAL A 229 -11.11 1.87 -23.36
C VAL A 229 -11.41 0.38 -23.14
N THR A 230 -11.22 -0.10 -21.92
CA THR A 230 -11.49 -1.51 -21.61
C THR A 230 -12.93 -1.79 -22.02
N ALA A 231 -13.80 -0.80 -21.79
CA ALA A 231 -15.20 -0.92 -22.15
C ALA A 231 -15.41 -0.97 -23.67
N LEU A 232 -14.71 -0.10 -24.39
CA LEU A 232 -14.83 -0.05 -25.84
C LEU A 232 -14.37 -1.39 -26.40
N LEU A 233 -13.27 -1.86 -25.85
CA LEU A 233 -12.69 -3.13 -26.27
C LEU A 233 -13.63 -4.30 -26.06
N ILE A 234 -14.28 -4.36 -24.90
CA ILE A 234 -15.20 -5.46 -24.60
C ILE A 234 -16.40 -5.47 -25.56
N GLU A 235 -16.80 -4.29 -26.03
CA GLU A 235 -17.92 -4.20 -26.96
C GLU A 235 -17.47 -4.62 -28.37
N ALA A 236 -16.27 -4.18 -28.75
CA ALA A 236 -15.72 -4.50 -30.07
C ALA A 236 -15.46 -5.99 -30.22
N VAL A 237 -15.21 -6.66 -29.12
CA VAL A 237 -14.94 -8.09 -29.18
C VAL A 237 -16.17 -8.91 -28.79
N ARG A 238 -17.29 -8.23 -28.55
CA ARG A 238 -18.54 -8.91 -28.19
C ARG A 238 -18.44 -9.72 -26.90
N GLY A 239 -17.89 -9.11 -25.85
CA GLY A 239 -17.73 -9.81 -24.58
C GLY A 239 -19.00 -9.95 -23.76
N SER A 240 -18.94 -10.75 -22.70
CA SER A 240 -20.08 -10.97 -21.83
C SER A 240 -20.18 -9.89 -20.76
N THR A 241 -21.41 -9.55 -20.40
CA THR A 241 -21.69 -8.53 -19.38
C THR A 241 -21.73 -9.14 -17.98
N SER A 242 -21.88 -10.47 -17.92
CA SER A 242 -21.97 -11.18 -16.65
C SER A 242 -20.94 -10.74 -15.60
N PRO A 243 -19.66 -10.63 -15.98
CA PRO A 243 -18.59 -10.22 -15.04
C PRO A 243 -18.84 -8.94 -14.24
N PHE A 244 -19.66 -8.05 -14.78
CA PHE A 244 -19.92 -6.78 -14.16
C PHE A 244 -21.26 -6.64 -13.44
N LEU A 245 -22.05 -7.72 -13.39
CA LEU A 245 -23.33 -7.65 -12.71
C LEU A 245 -23.14 -7.30 -11.24
N ALA A 246 -23.95 -6.37 -10.75
CA ALA A 246 -23.89 -5.88 -9.37
C ALA A 246 -23.85 -6.95 -8.29
N GLU A 247 -24.60 -8.04 -8.48
CA GLU A 247 -24.63 -9.13 -7.50
C GLU A 247 -23.24 -9.66 -7.18
N GLY A 248 -22.38 -9.72 -8.19
CA GLY A 248 -21.04 -10.25 -8.01
C GLY A 248 -20.07 -9.38 -7.21
N HIS A 249 -20.42 -8.13 -6.99
CA HIS A 249 -19.54 -7.22 -6.26
C HIS A 249 -20.25 -6.65 -5.03
N ASP A 250 -21.26 -5.82 -5.25
CA ASP A 250 -22.03 -5.22 -4.17
C ASP A 250 -22.46 -6.26 -3.12
N ILE A 251 -22.77 -7.47 -3.58
CA ILE A 251 -23.21 -8.54 -2.67
C ILE A 251 -22.15 -9.59 -2.33
N ALA A 252 -21.59 -10.24 -3.34
CA ALA A 252 -20.60 -11.29 -3.11
C ALA A 252 -19.19 -10.86 -2.67
N ARG A 253 -18.68 -9.74 -3.16
CA ARG A 253 -17.33 -9.31 -2.80
C ARG A 253 -17.26 -7.78 -2.75
N PRO A 254 -17.80 -7.19 -1.67
CA PRO A 254 -17.87 -5.75 -1.40
C PRO A 254 -16.61 -4.92 -1.15
N HIS A 255 -15.62 -5.02 -2.02
CA HIS A 255 -14.43 -4.19 -1.89
C HIS A 255 -14.90 -2.89 -2.52
N GLU A 256 -14.63 -1.76 -1.88
CA GLU A 256 -15.07 -0.47 -2.42
C GLU A 256 -14.70 -0.28 -3.88
N GLY A 257 -13.40 -0.36 -4.18
CA GLY A 257 -12.93 -0.17 -5.54
C GLY A 257 -13.56 -1.09 -6.58
N GLN A 258 -13.73 -2.36 -6.23
CA GLN A 258 -14.30 -3.34 -7.13
C GLN A 258 -15.72 -2.94 -7.51
N ILE A 259 -16.48 -2.50 -6.51
CA ILE A 259 -17.86 -2.06 -6.73
C ILE A 259 -17.85 -0.85 -7.67
N ASP A 260 -16.95 0.10 -7.43
CA ASP A 260 -16.89 1.28 -8.29
C ASP A 260 -16.58 0.95 -9.76
N THR A 261 -15.63 0.05 -9.98
CA THR A 261 -15.26 -0.31 -11.34
C THR A 261 -16.37 -1.07 -12.01
N ALA A 262 -16.96 -2.02 -11.29
CA ALA A 262 -18.06 -2.80 -11.81
C ALA A 262 -19.19 -1.84 -12.21
N ALA A 263 -19.45 -0.84 -11.37
CA ALA A 263 -20.49 0.14 -11.66
C ALA A 263 -20.16 0.99 -12.89
N ASN A 264 -18.90 1.41 -13.04
CA ASN A 264 -18.54 2.20 -14.23
C ASN A 264 -18.61 1.34 -15.49
N MET A 265 -18.19 0.08 -15.40
CA MET A 265 -18.20 -0.79 -16.57
C MET A 265 -19.63 -1.06 -17.07
N ARG A 266 -20.60 -1.12 -16.15
CA ARG A 266 -21.99 -1.35 -16.54
C ARG A 266 -22.57 -0.11 -17.21
N ALA A 267 -22.18 1.05 -16.70
CA ALA A 267 -22.66 2.31 -17.24
C ALA A 267 -22.02 2.63 -18.60
N LEU A 268 -20.74 2.29 -18.76
CA LEU A 268 -20.02 2.56 -20.01
C LEU A 268 -20.52 1.72 -21.19
N MET A 269 -20.81 0.45 -20.94
CA MET A 269 -21.28 -0.46 -21.99
C MET A 269 -22.80 -0.39 -22.15
N ARG A 270 -23.44 0.36 -21.25
CA ARG A 270 -24.89 0.53 -21.26
C ARG A 270 -25.46 0.84 -22.64
N GLY A 271 -26.44 0.03 -23.05
CA GLY A 271 -27.09 0.24 -24.34
C GLY A 271 -26.28 -0.21 -25.54
N SER A 272 -25.34 -1.14 -25.33
CA SER A 272 -24.53 -1.65 -26.42
C SER A 272 -25.27 -2.76 -27.15
N GLY A 273 -25.14 -2.81 -28.46
CA GLY A 273 -25.80 -3.85 -29.22
C GLY A 273 -24.84 -4.97 -29.58
N LEU A 274 -23.61 -4.88 -29.08
CA LEU A 274 -22.58 -5.87 -29.39
C LEU A 274 -22.30 -6.87 -28.26
N THR A 275 -22.44 -6.45 -27.02
CA THR A 275 -22.18 -7.32 -25.89
C THR A 275 -23.27 -8.38 -25.74
N VAL A 276 -22.93 -9.49 -25.09
CA VAL A 276 -23.87 -10.58 -24.89
C VAL A 276 -24.20 -10.78 -23.41
N GLU A 277 -25.43 -11.20 -23.13
CA GLU A 277 -25.86 -11.47 -21.77
C GLU A 277 -25.59 -12.95 -21.54
N HIS A 278 -25.34 -13.34 -20.29
CA HIS A 278 -25.08 -14.74 -20.00
C HIS A 278 -26.20 -15.64 -20.53
N ALA A 279 -27.45 -15.22 -20.36
CA ALA A 279 -28.58 -16.00 -20.83
C ALA A 279 -28.42 -16.36 -22.29
N ASP A 280 -28.16 -15.37 -23.14
CA ASP A 280 -27.99 -15.61 -24.56
C ASP A 280 -26.82 -16.53 -24.86
N LEU A 281 -25.68 -16.29 -24.22
CA LEU A 281 -24.51 -17.13 -24.43
C LEU A 281 -24.83 -18.59 -24.14
N ARG A 282 -25.31 -18.82 -22.92
CA ARG A 282 -25.67 -20.14 -22.44
C ARG A 282 -26.65 -20.82 -23.38
N ARG A 283 -27.57 -20.05 -23.94
CA ARG A 283 -28.56 -20.59 -24.84
C ARG A 283 -27.96 -20.90 -26.20
N GLU A 284 -27.11 -20.01 -26.69
CA GLU A 284 -26.44 -20.18 -27.96
C GLU A 284 -25.56 -21.44 -27.92
N LEU A 285 -24.83 -21.58 -26.82
CA LEU A 285 -23.94 -22.73 -26.63
C LEU A 285 -24.70 -24.04 -26.47
N GLN A 286 -25.79 -24.02 -25.72
CA GLN A 286 -26.58 -25.22 -25.51
C GLN A 286 -27.17 -25.70 -26.84
N LYS A 287 -27.54 -24.74 -27.67
CA LYS A 287 -28.10 -25.00 -28.98
C LYS A 287 -27.03 -25.66 -29.85
N ASP A 288 -25.77 -25.43 -29.49
CA ASP A 288 -24.66 -25.99 -30.25
C ASP A 288 -24.19 -27.38 -29.80
N LYS A 289 -24.76 -27.89 -28.71
CA LYS A 289 -24.36 -29.19 -28.23
C LYS A 289 -25.30 -30.32 -28.67
N GLU A 290 -24.72 -31.42 -29.11
CA GLU A 290 -25.47 -32.60 -29.51
C GLU A 290 -25.71 -33.40 -28.24
N ALA A 291 -26.86 -34.07 -28.15
CA ALA A 291 -27.19 -34.83 -26.96
C ALA A 291 -26.63 -36.25 -26.93
N GLY A 292 -26.03 -36.70 -28.03
CA GLY A 292 -25.50 -38.05 -28.05
C GLY A 292 -24.05 -38.20 -27.62
N LYS A 293 -23.46 -37.11 -27.11
CA LYS A 293 -22.05 -37.12 -26.70
C LYS A 293 -21.83 -36.67 -25.26
N ASP A 294 -20.90 -37.33 -24.58
CA ASP A 294 -20.58 -37.00 -23.20
C ASP A 294 -19.66 -35.78 -23.08
N VAL A 295 -18.85 -35.55 -24.11
CA VAL A 295 -17.92 -34.43 -24.10
C VAL A 295 -17.68 -33.94 -25.52
N GLN A 296 -18.23 -32.76 -25.82
CA GLN A 296 -18.09 -32.17 -27.16
C GLN A 296 -17.19 -30.96 -27.17
N ARG A 297 -16.74 -30.59 -28.36
CA ARG A 297 -15.89 -29.43 -28.54
C ARG A 297 -16.78 -28.33 -29.10
N SER A 298 -16.71 -27.15 -28.49
CA SER A 298 -17.48 -26.03 -28.98
C SER A 298 -16.53 -24.91 -29.32
N GLU A 299 -16.98 -24.01 -30.19
CA GLU A 299 -16.15 -22.89 -30.59
C GLU A 299 -16.54 -21.69 -29.77
N ILE A 300 -17.51 -21.88 -28.87
CA ILE A 300 -18.00 -20.80 -28.01
C ILE A 300 -17.39 -20.81 -26.61
N TYR A 301 -17.10 -19.63 -26.10
CA TYR A 301 -16.52 -19.47 -24.77
C TYR A 301 -17.56 -18.82 -23.85
N LEU A 302 -18.04 -19.57 -22.88
CA LEU A 302 -19.05 -19.06 -21.95
C LEU A 302 -18.52 -17.89 -21.11
N GLN A 303 -17.19 -17.80 -21.01
CA GLN A 303 -16.52 -16.74 -20.28
C GLN A 303 -15.35 -16.31 -21.14
N LYS A 304 -14.95 -15.04 -21.04
CA LYS A 304 -13.82 -14.57 -21.79
C LYS A 304 -12.59 -14.63 -20.88
N ALA A 305 -11.41 -14.32 -21.41
CA ALA A 305 -10.19 -14.38 -20.61
C ALA A 305 -10.18 -13.38 -19.45
N TYR A 306 -9.28 -13.60 -18.51
CA TYR A 306 -9.17 -12.74 -17.34
C TYR A 306 -9.10 -11.26 -17.66
N SER A 307 -8.35 -10.92 -18.71
CA SER A 307 -8.20 -9.52 -19.08
C SER A 307 -9.49 -8.83 -19.49
N LEU A 308 -10.48 -9.60 -19.91
CA LEU A 308 -11.77 -9.04 -20.32
C LEU A 308 -12.89 -9.46 -19.36
N ARG A 309 -12.51 -9.97 -18.19
CA ARG A 309 -13.47 -10.45 -17.22
C ARG A 309 -13.14 -10.02 -15.78
N ALA A 310 -11.88 -10.09 -15.41
CA ALA A 310 -11.46 -9.72 -14.06
C ALA A 310 -11.15 -8.24 -13.89
N ILE A 311 -11.71 -7.40 -14.78
CA ILE A 311 -11.48 -5.97 -14.72
C ILE A 311 -11.89 -5.36 -13.38
N PRO A 312 -13.09 -5.70 -12.88
CA PRO A 312 -13.54 -5.14 -11.61
C PRO A 312 -12.58 -5.44 -10.45
N GLN A 313 -12.10 -6.68 -10.41
CA GLN A 313 -11.20 -7.13 -9.36
C GLN A 313 -9.86 -6.40 -9.36
N VAL A 314 -9.17 -6.47 -10.50
CA VAL A 314 -7.87 -5.84 -10.67
C VAL A 314 -7.94 -4.30 -10.58
N VAL A 315 -8.72 -3.68 -11.45
CA VAL A 315 -8.82 -2.21 -11.42
C VAL A 315 -9.40 -1.72 -10.08
N GLY A 316 -10.28 -2.51 -9.48
CA GLY A 316 -10.87 -2.14 -8.21
C GLY A 316 -9.79 -2.05 -7.15
N ALA A 317 -8.85 -3.00 -7.18
CA ALA A 317 -7.75 -3.02 -6.23
C ALA A 317 -6.94 -1.75 -6.40
N VAL A 318 -6.75 -1.36 -7.66
CA VAL A 318 -6.01 -0.16 -7.98
C VAL A 318 -6.71 1.01 -7.33
N ARG A 319 -8.01 1.15 -7.62
CA ARG A 319 -8.82 2.21 -7.03
C ARG A 319 -8.67 2.27 -5.50
N ASP A 320 -8.86 1.15 -4.82
CA ASP A 320 -8.73 1.09 -3.37
C ASP A 320 -7.41 1.71 -2.89
N THR A 321 -6.33 1.39 -3.61
CA THR A 321 -5.01 1.91 -3.27
C THR A 321 -4.97 3.41 -3.52
N LEU A 322 -5.56 3.87 -4.62
CA LEU A 322 -5.59 5.30 -4.92
C LEU A 322 -6.50 6.06 -3.96
N TYR A 323 -7.54 5.40 -3.45
CA TYR A 323 -8.45 6.03 -2.50
C TYR A 323 -7.72 6.23 -1.16
N HIS A 324 -6.97 5.21 -0.76
CA HIS A 324 -6.21 5.26 0.48
C HIS A 324 -5.11 6.28 0.38
N ALA A 325 -4.53 6.41 -0.82
CA ALA A 325 -3.45 7.37 -1.07
C ALA A 325 -3.98 8.79 -1.02
N ARG A 326 -5.14 9.02 -1.60
CA ARG A 326 -5.72 10.36 -1.60
C ARG A 326 -6.08 10.77 -0.17
N HIS A 327 -6.58 9.80 0.59
CA HIS A 327 -6.94 10.01 1.98
C HIS A 327 -5.72 10.53 2.75
N LYS A 328 -4.62 9.77 2.70
CA LYS A 328 -3.40 10.16 3.38
C LYS A 328 -2.91 11.52 2.89
N LEU A 329 -3.09 11.79 1.60
CA LEU A 329 -2.65 13.07 1.03
C LEU A 329 -3.50 14.23 1.58
N ARG A 330 -4.80 13.99 1.68
CA ARG A 330 -5.74 14.99 2.20
C ARG A 330 -5.41 15.32 3.67
N ILE A 331 -5.15 14.28 4.47
CA ILE A 331 -4.79 14.49 5.86
C ILE A 331 -3.49 15.29 5.94
N GLU A 332 -2.49 14.84 5.16
CA GLU A 332 -1.18 15.48 5.11
C GLU A 332 -1.21 16.93 4.59
N LEU A 333 -1.95 17.17 3.52
CA LEU A 333 -2.08 18.52 2.95
C LEU A 333 -2.52 19.52 4.03
N ASN A 334 -3.46 19.09 4.87
CA ASN A 334 -4.01 19.94 5.92
C ASN A 334 -3.32 19.85 7.28
N SER A 335 -2.13 19.25 7.29
CA SER A 335 -1.40 19.10 8.51
C SER A 335 -0.25 20.07 8.77
N ALA A 336 0.13 20.21 10.02
CA ALA A 336 1.24 21.08 10.37
C ALA A 336 2.53 20.26 10.22
N ASN A 337 2.89 19.91 8.97
CA ASN A 337 4.13 19.16 8.73
C ASN A 337 5.24 20.18 8.63
N ASP A 338 5.68 20.60 9.81
CA ASP A 338 6.72 21.60 10.02
C ASP A 338 7.24 21.27 11.41
N ASN A 339 8.31 21.94 11.84
CA ASN A 339 8.88 21.69 13.16
C ASN A 339 9.92 22.75 13.49
N PRO A 340 9.93 23.26 14.73
CA PRO A 340 9.04 22.91 15.84
C PRO A 340 7.65 23.55 15.65
N LEU A 341 6.70 23.22 16.51
CA LEU A 341 5.34 23.75 16.39
C LEU A 341 4.85 24.55 17.59
N PHE A 342 3.94 25.49 17.31
CA PHE A 342 3.37 26.36 18.32
C PHE A 342 1.89 26.09 18.66
N PHE A 343 1.56 26.28 19.93
CA PHE A 343 0.19 26.10 20.43
C PHE A 343 -0.13 27.17 21.47
N GLU A 344 -1.35 27.15 21.98
CA GLU A 344 -1.79 28.13 22.98
C GLU A 344 -1.37 27.74 24.39
N GLY A 345 -0.54 28.56 25.02
CA GLY A 345 -0.08 28.25 26.36
C GLY A 345 0.28 26.79 26.49
N LYS A 346 1.31 26.41 25.73
CA LYS A 346 1.78 25.03 25.71
C LYS A 346 3.25 25.20 25.35
N GLU A 347 4.10 24.28 25.81
CA GLU A 347 5.52 24.36 25.48
C GLU A 347 5.67 24.24 23.95
N ILE A 348 6.78 24.72 23.42
CA ILE A 348 7.01 24.61 21.98
C ILE A 348 7.20 23.13 21.68
N PHE A 349 6.39 22.60 20.77
CA PHE A 349 6.44 21.19 20.39
C PHE A 349 7.67 20.84 19.54
N HIS A 350 8.47 19.88 20.00
CA HIS A 350 9.65 19.45 19.26
C HIS A 350 9.49 18.01 18.84
N GLY A 351 8.92 17.81 17.65
CA GLY A 351 8.68 16.47 17.17
C GLY A 351 9.33 16.20 15.84
N ALA A 352 8.59 15.53 14.96
CA ALA A 352 9.11 15.17 13.64
C ALA A 352 7.97 15.03 12.64
N ASN A 353 7.05 15.99 12.62
CA ASN A 353 5.96 15.93 11.68
C ASN A 353 6.43 16.26 10.27
N PHE A 354 7.74 16.43 10.14
CA PHE A 354 8.35 16.72 8.84
C PHE A 354 8.67 15.40 8.16
N HIS A 355 8.47 14.30 8.89
CA HIS A 355 8.79 12.98 8.37
C HIS A 355 7.72 12.46 7.40
N GLY A 356 8.09 12.33 6.13
CA GLY A 356 7.16 11.90 5.11
C GLY A 356 6.78 10.44 4.97
N GLN A 357 7.07 9.62 5.98
CA GLN A 357 6.74 8.21 5.91
C GLN A 357 5.31 7.89 5.49
N PRO A 358 4.31 8.62 6.03
CA PRO A 358 2.93 8.33 5.65
C PRO A 358 2.68 8.49 4.15
N ILE A 359 3.34 9.45 3.52
CA ILE A 359 3.18 9.68 2.09
C ILE A 359 4.16 8.82 1.30
N ALA A 360 5.35 8.62 1.86
CA ALA A 360 6.35 7.78 1.19
C ALA A 360 5.70 6.42 0.89
N PHE A 361 5.05 5.82 1.90
CA PHE A 361 4.39 4.53 1.72
C PHE A 361 3.26 4.65 0.69
N ALA A 362 2.39 5.62 0.92
CA ALA A 362 1.26 5.85 0.04
C ALA A 362 1.64 5.86 -1.45
N MET A 363 2.71 6.57 -1.77
CA MET A 363 3.17 6.66 -3.16
C MET A 363 3.86 5.39 -3.66
N ASP A 364 4.56 4.70 -2.76
CA ASP A 364 5.20 3.44 -3.16
C ASP A 364 4.07 2.48 -3.52
N PHE A 365 2.96 2.59 -2.78
CA PHE A 365 1.82 1.72 -3.01
C PHE A 365 1.17 2.04 -4.35
N VAL A 366 1.05 3.34 -4.64
CA VAL A 366 0.48 3.83 -5.89
C VAL A 366 1.30 3.33 -7.08
N THR A 367 2.62 3.28 -6.89
CA THR A 367 3.54 2.82 -7.94
C THR A 367 3.24 1.37 -8.30
N ILE A 368 3.01 0.54 -7.29
CA ILE A 368 2.71 -0.87 -7.49
C ILE A 368 1.36 -1.02 -8.15
N ALA A 369 0.36 -0.32 -7.64
CA ALA A 369 -0.98 -0.36 -8.18
C ALA A 369 -1.00 0.01 -9.66
N LEU A 370 -0.51 1.21 -9.97
CA LEU A 370 -0.45 1.67 -11.34
C LEU A 370 0.31 0.68 -12.25
N THR A 371 1.37 0.07 -11.73
CA THR A 371 2.12 -0.88 -12.55
C THR A 371 1.24 -2.06 -12.95
N GLN A 372 0.36 -2.52 -12.05
CA GLN A 372 -0.52 -3.63 -12.37
C GLN A 372 -1.58 -3.13 -13.35
N LEU A 373 -1.96 -1.86 -13.22
CA LEU A 373 -2.93 -1.28 -14.14
C LEU A 373 -2.38 -1.39 -15.56
N GLY A 374 -1.10 -1.07 -15.72
CA GLY A 374 -0.47 -1.15 -17.02
C GLY A 374 -0.39 -2.57 -17.53
N VAL A 375 0.00 -3.50 -16.65
CA VAL A 375 0.11 -4.92 -16.99
C VAL A 375 -1.19 -5.39 -17.63
N LEU A 376 -2.30 -5.04 -16.99
CA LEU A 376 -3.62 -5.42 -17.48
C LEU A 376 -3.90 -4.80 -18.84
N ALA A 377 -3.55 -3.52 -18.99
CA ALA A 377 -3.78 -2.82 -20.24
C ALA A 377 -3.05 -3.48 -21.42
N GLU A 378 -1.77 -3.76 -21.22
CA GLU A 378 -0.95 -4.35 -22.27
C GLU A 378 -1.40 -5.74 -22.70
N ARG A 379 -1.93 -6.52 -21.76
CA ARG A 379 -2.40 -7.86 -22.10
C ARG A 379 -3.70 -7.77 -22.92
N GLN A 380 -4.50 -6.76 -22.67
CA GLN A 380 -5.73 -6.60 -23.44
C GLN A 380 -5.28 -6.27 -24.87
N ILE A 381 -4.23 -5.47 -25.00
CA ILE A 381 -3.68 -5.14 -26.31
C ILE A 381 -3.27 -6.46 -26.98
N ASN A 382 -2.54 -7.29 -26.24
CA ASN A 382 -2.10 -8.58 -26.76
C ASN A 382 -3.28 -9.41 -27.19
N ARG A 383 -4.34 -9.38 -26.39
CA ARG A 383 -5.54 -10.15 -26.67
C ARG A 383 -6.19 -9.75 -28.00
N VAL A 384 -6.35 -8.45 -28.24
CA VAL A 384 -6.96 -8.02 -29.49
C VAL A 384 -6.06 -8.23 -30.71
N LEU A 385 -4.74 -8.19 -30.50
CA LEU A 385 -3.79 -8.36 -31.60
C LEU A 385 -3.48 -9.80 -32.01
N ASN A 386 -3.76 -10.77 -31.15
CA ASN A 386 -3.49 -12.18 -31.46
C ASN A 386 -4.74 -12.82 -32.07
N ARG A 387 -4.64 -13.29 -33.31
CA ARG A 387 -5.79 -13.89 -34.00
C ARG A 387 -6.44 -15.08 -33.29
N HIS A 388 -5.67 -15.79 -32.46
CA HIS A 388 -6.21 -16.94 -31.73
C HIS A 388 -6.93 -16.49 -30.45
N LEU A 389 -6.83 -15.20 -30.15
CA LEU A 389 -7.46 -14.67 -28.94
C LEU A 389 -8.42 -13.51 -29.22
N SER A 390 -8.35 -12.94 -30.41
CA SER A 390 -9.19 -11.80 -30.75
C SER A 390 -10.68 -12.11 -30.87
N TYR A 391 -11.02 -13.39 -30.98
CA TYR A 391 -12.43 -13.79 -31.07
C TYR A 391 -13.02 -13.43 -32.44
N GLY A 392 -12.21 -13.53 -33.49
CA GLY A 392 -12.71 -13.23 -34.83
C GLY A 392 -12.01 -12.17 -35.66
N LEU A 393 -11.18 -11.33 -35.04
CA LEU A 393 -10.46 -10.27 -35.76
C LEU A 393 -9.24 -10.80 -36.53
N PRO A 394 -8.77 -10.05 -37.54
CA PRO A 394 -7.61 -10.44 -38.36
C PRO A 394 -6.30 -10.26 -37.59
N GLU A 395 -5.27 -11.05 -37.92
CA GLU A 395 -4.00 -10.94 -37.22
C GLU A 395 -3.43 -9.54 -37.17
N PHE A 396 -3.16 -9.07 -35.95
CA PHE A 396 -2.59 -7.75 -35.68
C PHE A 396 -3.36 -6.60 -36.31
N LEU A 397 -4.67 -6.78 -36.42
CA LEU A 397 -5.56 -5.78 -36.99
C LEU A 397 -5.16 -5.28 -38.38
N VAL A 398 -4.60 -6.17 -39.21
CA VAL A 398 -4.22 -5.79 -40.57
C VAL A 398 -5.46 -5.68 -41.45
N SER A 399 -5.62 -4.54 -42.13
CA SER A 399 -6.77 -4.32 -43.01
C SER A 399 -6.57 -5.02 -44.35
N GLY A 400 -5.40 -4.78 -44.96
CA GLY A 400 -5.09 -5.37 -46.25
C GLY A 400 -4.48 -6.74 -46.18
N ASP A 401 -3.45 -6.98 -47.00
CA ASP A 401 -2.78 -8.27 -47.04
C ASP A 401 -1.77 -8.45 -45.91
N PRO A 402 -2.11 -9.28 -44.92
CA PRO A 402 -1.20 -9.53 -43.79
C PRO A 402 0.14 -10.05 -44.32
N GLY A 403 1.18 -9.94 -43.50
CA GLY A 403 2.50 -10.38 -43.94
C GLY A 403 3.11 -9.21 -44.67
N LEU A 404 2.49 -8.85 -45.81
CA LEU A 404 2.97 -7.70 -46.59
C LEU A 404 2.88 -6.48 -45.67
N HIS A 405 1.79 -6.43 -44.89
CA HIS A 405 1.57 -5.35 -43.92
C HIS A 405 1.55 -5.99 -42.53
N SER A 406 2.13 -5.31 -41.54
CA SER A 406 2.17 -5.83 -40.18
C SER A 406 1.09 -5.23 -39.28
N GLY A 407 0.44 -4.17 -39.76
CA GLY A 407 -0.61 -3.55 -38.98
C GLY A 407 -0.13 -2.96 -37.67
N PHE A 408 -0.71 -3.42 -36.56
CA PHE A 408 -0.34 -2.94 -35.23
C PHE A 408 0.73 -3.78 -34.57
N ALA A 409 1.24 -4.77 -35.28
CA ALA A 409 2.26 -5.67 -34.74
C ALA A 409 3.44 -4.92 -34.13
N GLY A 410 3.89 -3.88 -34.81
CA GLY A 410 5.02 -3.10 -34.32
C GLY A 410 4.63 -2.19 -33.18
N ALA A 411 3.36 -1.79 -33.16
CA ALA A 411 2.87 -0.89 -32.12
C ALA A 411 2.79 -1.57 -30.76
N GLN A 412 2.65 -2.89 -30.73
CA GLN A 412 2.58 -3.60 -29.46
C GLN A 412 3.89 -3.57 -28.66
N TYR A 413 5.01 -3.50 -29.37
CA TYR A 413 6.30 -3.51 -28.71
C TYR A 413 6.55 -2.47 -27.62
N PRO A 414 6.36 -1.17 -27.92
CA PRO A 414 6.57 -0.18 -26.86
C PRO A 414 5.70 -0.39 -25.62
N ALA A 415 4.53 -0.99 -25.80
CA ALA A 415 3.63 -1.22 -24.68
C ALA A 415 4.14 -2.36 -23.82
N THR A 416 4.69 -3.37 -24.47
CA THR A 416 5.23 -4.53 -23.77
C THR A 416 6.53 -4.12 -23.07
N ALA A 417 7.29 -3.23 -23.71
CA ALA A 417 8.54 -2.76 -23.15
C ALA A 417 8.28 -1.96 -21.87
N LEU A 418 7.24 -1.15 -21.90
CA LEU A 418 6.88 -0.31 -20.76
C LEU A 418 6.44 -1.11 -19.52
N VAL A 419 5.76 -2.23 -19.73
CA VAL A 419 5.34 -3.05 -18.59
C VAL A 419 6.61 -3.53 -17.89
N ALA A 420 7.59 -3.93 -18.68
CA ALA A 420 8.85 -4.43 -18.16
C ALA A 420 9.64 -3.32 -17.48
N GLU A 421 9.64 -2.13 -18.07
CA GLU A 421 10.36 -1.01 -17.48
C GLU A 421 9.75 -0.60 -16.15
N ASN A 422 8.43 -0.53 -16.10
CA ASN A 422 7.74 -0.17 -14.86
C ASN A 422 8.08 -1.17 -13.77
N ARG A 423 8.29 -2.43 -14.16
CA ARG A 423 8.62 -3.45 -13.19
C ARG A 423 10.02 -3.31 -12.60
N THR A 424 10.89 -2.54 -13.25
CA THR A 424 12.24 -2.35 -12.72
C THR A 424 12.25 -1.25 -11.66
N ILE A 425 11.08 -0.67 -11.38
CA ILE A 425 11.02 0.40 -10.39
C ILE A 425 10.68 -0.14 -9.00
N GLY A 426 11.66 -0.06 -8.10
CA GLY A 426 11.46 -0.57 -6.76
C GLY A 426 10.98 0.46 -5.77
N PRO A 427 10.40 0.00 -4.65
CA PRO A 427 9.89 0.89 -3.60
C PRO A 427 11.06 1.74 -3.06
N ALA A 428 10.77 2.97 -2.67
CA ALA A 428 11.80 3.85 -2.16
C ALA A 428 11.64 4.11 -0.66
N SER A 429 10.42 3.99 -0.16
CA SER A 429 10.13 4.26 1.25
C SER A 429 10.87 3.39 2.25
N THR A 430 11.65 2.44 1.75
CA THR A 430 12.42 1.54 2.62
C THR A 430 13.92 1.66 2.40
N GLN A 431 14.33 2.54 1.49
CA GLN A 431 15.74 2.72 1.15
C GLN A 431 16.49 3.81 1.95
N SER A 432 16.01 4.07 3.16
CA SER A 432 16.63 5.06 4.04
C SER A 432 18.14 4.84 4.23
N VAL A 433 18.91 5.91 4.13
CA VAL A 433 20.36 5.87 4.36
C VAL A 433 20.66 6.96 5.40
N PRO A 434 21.33 6.61 6.51
CA PRO A 434 21.65 7.58 7.57
C PRO A 434 22.61 8.72 7.18
N SER A 435 22.23 9.96 7.49
CA SER A 435 23.08 11.11 7.16
C SER A 435 23.13 12.19 8.26
N ASN A 436 23.75 13.32 7.95
CA ASN A 436 23.89 14.44 8.88
C ASN A 436 24.40 13.87 10.21
N GLY A 437 25.61 13.32 10.17
CA GLY A 437 26.16 12.70 11.35
C GLY A 437 25.34 11.43 11.39
N ASP A 438 24.37 11.39 12.28
CA ASP A 438 23.47 10.25 12.37
C ASP A 438 22.15 10.78 12.90
N ASN A 439 22.02 12.11 12.87
CA ASN A 439 20.81 12.78 13.32
C ASN A 439 19.63 12.28 12.48
N GLN A 440 19.81 12.28 11.16
CA GLN A 440 18.74 11.80 10.29
C GLN A 440 19.00 10.32 10.04
N ASP A 441 18.95 9.50 11.10
CA ASP A 441 19.24 8.08 10.92
C ASP A 441 18.13 7.24 10.29
N VAL A 442 16.93 7.81 10.18
CA VAL A 442 15.79 7.13 9.54
C VAL A 442 14.94 8.18 8.79
N VAL A 443 14.98 8.12 7.46
CA VAL A 443 14.23 9.05 6.63
C VAL A 443 13.23 8.24 5.78
N SER A 444 12.38 8.90 4.99
CA SER A 444 11.39 8.16 4.20
C SER A 444 11.61 8.05 2.70
N MET A 445 12.41 8.95 2.12
CA MET A 445 12.68 8.96 0.68
C MET A 445 11.38 9.13 -0.13
N GLY A 446 10.38 9.74 0.51
CA GLY A 446 9.08 9.95 -0.11
C GLY A 446 8.99 10.65 -1.45
N LEU A 447 9.87 11.61 -1.72
CA LEU A 447 9.80 12.30 -3.00
C LEU A 447 10.24 11.39 -4.15
N ILE A 448 11.11 10.43 -3.85
CA ILE A 448 11.57 9.47 -4.85
C ILE A 448 10.35 8.58 -5.12
N SER A 449 9.61 8.27 -4.06
CA SER A 449 8.40 7.45 -4.21
C SER A 449 7.41 8.18 -5.11
N ALA A 450 7.21 9.47 -4.85
CA ALA A 450 6.28 10.26 -5.65
C ALA A 450 6.72 10.28 -7.11
N ARG A 451 8.01 10.52 -7.33
CA ARG A 451 8.54 10.55 -8.69
C ARG A 451 8.42 9.19 -9.40
N ASN A 452 8.50 8.10 -8.63
CA ASN A 452 8.39 6.74 -9.17
C ASN A 452 6.97 6.56 -9.71
N ALA A 453 6.00 6.95 -8.91
CA ALA A 453 4.59 6.84 -9.28
C ALA A 453 4.30 7.68 -10.51
N ARG A 454 4.86 8.90 -10.54
CA ARG A 454 4.68 9.79 -11.67
C ARG A 454 5.13 9.12 -12.96
N ARG A 455 6.30 8.48 -12.90
CA ARG A 455 6.87 7.80 -14.06
C ARG A 455 5.95 6.68 -14.57
N VAL A 456 5.55 5.77 -13.68
CA VAL A 456 4.67 4.67 -14.06
C VAL A 456 3.35 5.20 -14.61
N LEU A 457 2.91 6.33 -14.07
CA LEU A 457 1.67 6.97 -14.51
C LEU A 457 1.88 7.45 -15.93
N SER A 458 3.04 8.06 -16.16
CA SER A 458 3.36 8.58 -17.47
C SER A 458 3.48 7.46 -18.51
N ASN A 459 4.16 6.37 -18.14
CA ASN A 459 4.33 5.24 -19.04
C ASN A 459 2.98 4.58 -19.35
N ASN A 460 2.06 4.62 -18.39
CA ASN A 460 0.74 4.03 -18.56
C ASN A 460 -0.07 4.74 -19.65
N ASN A 461 0.19 6.04 -19.83
CA ASN A 461 -0.51 6.79 -20.88
C ASN A 461 -0.06 6.26 -22.25
N LYS A 462 1.20 5.89 -22.37
CA LYS A 462 1.69 5.36 -23.64
C LYS A 462 1.08 3.98 -23.92
N ILE A 463 1.05 3.13 -22.91
CA ILE A 463 0.47 1.79 -23.05
C ILE A 463 -1.00 1.99 -23.44
N LEU A 464 -1.70 2.79 -22.64
CA LEU A 464 -3.10 3.07 -22.90
C LEU A 464 -3.31 3.67 -24.30
N ALA A 465 -2.39 4.53 -24.72
CA ALA A 465 -2.51 5.13 -26.05
C ALA A 465 -2.55 4.03 -27.11
N VAL A 466 -1.65 3.05 -27.01
CA VAL A 466 -1.63 1.96 -27.98
C VAL A 466 -2.95 1.19 -27.93
N GLU A 467 -3.50 0.99 -26.72
CA GLU A 467 -4.75 0.28 -26.57
C GLU A 467 -5.92 1.05 -27.20
N TYR A 468 -5.98 2.35 -26.95
CA TYR A 468 -7.06 3.16 -27.52
C TYR A 468 -7.06 3.10 -29.04
N LEU A 469 -5.87 3.05 -29.62
CA LEU A 469 -5.74 2.98 -31.07
C LEU A 469 -6.13 1.61 -31.61
N ALA A 470 -5.68 0.56 -30.94
CA ALA A 470 -6.01 -0.80 -31.36
C ALA A 470 -7.51 -1.02 -31.35
N ALA A 471 -8.16 -0.57 -30.27
CA ALA A 471 -9.59 -0.72 -30.10
C ALA A 471 -10.35 -0.07 -31.26
N ALA A 472 -10.07 1.20 -31.50
CA ALA A 472 -10.72 1.93 -32.59
C ALA A 472 -10.45 1.17 -33.90
N GLN A 473 -9.22 0.71 -34.06
CA GLN A 473 -8.84 -0.03 -35.25
C GLN A 473 -9.68 -1.31 -35.37
N ALA A 474 -9.85 -2.01 -34.26
CA ALA A 474 -10.62 -3.25 -34.26
C ALA A 474 -12.09 -2.96 -34.54
N VAL A 475 -12.54 -1.78 -34.14
CA VAL A 475 -13.93 -1.42 -34.38
C VAL A 475 -14.20 -1.34 -35.88
N ASP A 476 -13.56 -0.42 -36.59
CA ASP A 476 -13.84 -0.30 -38.01
C ASP A 476 -13.21 -1.36 -38.93
N ILE A 477 -12.63 -2.39 -38.34
CA ILE A 477 -12.04 -3.47 -39.13
C ILE A 477 -13.04 -4.64 -39.09
N SER A 478 -13.88 -4.62 -38.06
CA SER A 478 -14.92 -5.64 -37.89
C SER A 478 -16.23 -5.03 -38.37
N GLY A 479 -16.23 -3.71 -38.57
CA GLY A 479 -17.41 -3.01 -39.02
C GLY A 479 -18.52 -3.00 -37.98
N ARG A 480 -18.13 -2.95 -36.71
CA ARG A 480 -19.12 -2.95 -35.63
C ARG A 480 -19.39 -1.58 -35.03
N PHE A 481 -19.16 -0.52 -35.79
CA PHE A 481 -19.38 0.81 -35.27
C PHE A 481 -20.82 1.07 -34.88
N ASP A 482 -21.76 0.70 -35.76
CA ASP A 482 -23.18 0.93 -35.48
C ASP A 482 -23.76 0.14 -34.32
N GLY A 483 -22.97 -0.79 -33.78
CA GLY A 483 -23.43 -1.59 -32.66
C GLY A 483 -22.93 -1.03 -31.33
N LEU A 484 -21.90 -0.19 -31.39
CA LEU A 484 -21.32 0.39 -30.18
C LEU A 484 -22.36 1.18 -29.40
N SER A 485 -22.24 1.17 -28.07
CA SER A 485 -23.14 1.91 -27.20
C SER A 485 -22.80 3.39 -27.33
N PRO A 486 -23.64 4.27 -26.74
CA PRO A 486 -23.36 5.71 -26.82
C PRO A 486 -21.97 6.09 -26.29
N ALA A 487 -21.56 5.51 -25.18
CA ALA A 487 -20.24 5.82 -24.62
C ALA A 487 -19.14 5.26 -25.50
N ALA A 488 -19.40 4.07 -26.06
CA ALA A 488 -18.45 3.42 -26.95
C ALA A 488 -18.20 4.30 -28.18
N LYS A 489 -19.27 4.81 -28.79
CA LYS A 489 -19.15 5.68 -29.96
C LYS A 489 -18.44 6.97 -29.54
N ALA A 490 -18.69 7.43 -28.32
CA ALA A 490 -18.04 8.66 -27.86
C ALA A 490 -16.53 8.47 -27.86
N THR A 491 -16.07 7.39 -27.25
CA THR A 491 -14.66 7.08 -27.19
C THR A 491 -14.06 6.93 -28.59
N TYR A 492 -14.76 6.20 -29.46
CA TYR A 492 -14.29 5.97 -30.83
C TYR A 492 -14.09 7.28 -31.60
N GLU A 493 -15.08 8.18 -31.51
CA GLU A 493 -14.98 9.48 -32.19
C GLU A 493 -13.75 10.21 -31.69
N ALA A 494 -13.54 10.22 -30.37
CA ALA A 494 -12.40 10.92 -29.77
C ALA A 494 -11.04 10.46 -30.28
N VAL A 495 -10.93 9.18 -30.65
CA VAL A 495 -9.67 8.65 -31.13
C VAL A 495 -9.44 9.03 -32.58
N ARG A 496 -10.49 8.91 -33.39
CA ARG A 496 -10.40 9.23 -34.80
C ARG A 496 -10.25 10.74 -35.02
N ARG A 497 -10.76 11.52 -34.07
CA ARG A 497 -10.65 12.97 -34.16
C ARG A 497 -9.15 13.32 -34.10
N LEU A 498 -8.34 12.38 -33.61
CA LEU A 498 -6.90 12.56 -33.48
C LEU A 498 -6.12 11.73 -34.49
N VAL A 499 -6.49 10.46 -34.63
CA VAL A 499 -5.81 9.56 -35.53
C VAL A 499 -6.77 8.75 -36.41
N PRO A 500 -6.56 8.80 -37.73
CA PRO A 500 -7.44 8.05 -38.64
C PRO A 500 -7.19 6.53 -38.58
N THR A 501 -8.10 5.79 -39.22
CA THR A 501 -8.02 4.34 -39.30
C THR A 501 -6.70 3.96 -39.96
N LEU A 502 -6.26 2.74 -39.73
CA LEU A 502 -5.02 2.28 -40.32
C LEU A 502 -5.27 1.42 -41.56
N GLY A 503 -5.10 2.01 -42.74
CA GLY A 503 -5.25 1.25 -43.97
C GLY A 503 -3.93 0.53 -44.13
N VAL A 504 -3.07 1.03 -45.02
CA VAL A 504 -1.75 0.45 -45.21
C VAL A 504 -0.99 0.82 -43.95
N ASP A 505 0.11 0.14 -43.65
CA ASP A 505 0.82 0.52 -42.43
C ASP A 505 1.70 1.74 -42.65
N ARG A 506 1.98 2.44 -41.56
CA ARG A 506 2.70 3.71 -41.62
C ARG A 506 3.36 4.06 -40.29
N TYR A 507 4.18 5.10 -40.31
CA TYR A 507 4.89 5.60 -39.14
C TYR A 507 3.92 5.69 -37.94
N MET A 508 4.10 4.84 -36.95
CA MET A 508 3.20 4.83 -35.78
C MET A 508 3.49 5.84 -34.67
N ALA A 509 4.76 6.09 -34.38
CA ALA A 509 5.15 7.00 -33.29
C ALA A 509 4.26 8.24 -33.10
N ASP A 510 4.15 9.10 -34.10
CA ASP A 510 3.34 10.32 -33.95
C ASP A 510 1.92 10.03 -33.49
N ASP A 511 1.33 8.96 -33.99
CA ASP A 511 -0.04 8.62 -33.59
C ASP A 511 -0.12 8.19 -32.14
N ILE A 512 0.88 7.47 -31.67
CA ILE A 512 0.86 6.99 -30.30
C ILE A 512 1.06 8.14 -29.31
N GLU A 513 2.03 9.01 -29.61
CA GLU A 513 2.30 10.14 -28.73
C GLU A 513 1.11 11.11 -28.74
N LEU A 514 0.38 11.13 -29.83
CA LEU A 514 -0.77 12.02 -29.97
C LEU A 514 -1.87 11.58 -29.01
N VAL A 515 -2.16 10.28 -29.02
CA VAL A 515 -3.20 9.72 -28.14
C VAL A 515 -2.70 9.72 -26.69
N ALA A 516 -1.39 9.65 -26.52
CA ALA A 516 -0.79 9.63 -25.18
C ALA A 516 -0.95 10.98 -24.49
N ASP A 517 -0.66 12.06 -25.19
CA ASP A 517 -0.79 13.40 -24.63
C ASP A 517 -2.25 13.69 -24.29
N ALA A 518 -3.16 13.29 -25.18
CA ALA A 518 -4.59 13.48 -24.97
C ALA A 518 -5.00 12.77 -23.69
N LEU A 519 -4.49 11.56 -23.50
CA LEU A 519 -4.79 10.78 -22.32
C LEU A 519 -4.33 11.51 -21.06
N SER A 520 -3.15 12.12 -21.12
CA SER A 520 -2.65 12.84 -19.96
C SER A 520 -3.44 14.12 -19.70
N ARG A 521 -4.30 14.48 -20.64
CA ARG A 521 -5.13 15.68 -20.52
C ARG A 521 -6.54 15.29 -20.10
N GLY A 522 -6.80 13.99 -20.06
CA GLY A 522 -8.13 13.53 -19.71
C GLY A 522 -9.10 13.75 -20.86
N GLU A 523 -8.59 13.80 -22.08
CA GLU A 523 -9.43 14.02 -23.26
C GLU A 523 -10.58 13.03 -23.34
N PHE A 524 -10.31 11.80 -22.93
CA PHE A 524 -11.32 10.76 -22.91
C PHE A 524 -11.86 10.95 -21.50
N LEU A 525 -13.03 10.40 -21.18
CA LEU A 525 -13.59 10.63 -19.83
C LEU A 525 -14.10 12.06 -19.75
N ARG A 526 -13.61 12.89 -20.67
CA ARG A 526 -14.00 14.27 -20.79
C ARG A 526 -15.01 14.13 -21.93
N ALA A 527 -14.68 13.26 -22.88
CA ALA A 527 -15.54 13.00 -24.03
C ALA A 527 -16.79 12.26 -23.58
N ILE A 528 -16.64 11.39 -22.58
CA ILE A 528 -17.76 10.63 -22.06
C ILE A 528 -18.70 11.56 -21.30
N ALA A 529 -18.13 12.49 -20.56
CA ALA A 529 -18.92 13.43 -19.78
C ALA A 529 -19.70 14.39 -20.69
N ARG A 530 -19.04 14.87 -21.73
CA ARG A 530 -19.63 15.80 -22.68
C ARG A 530 -20.59 15.17 -23.69
N GLU A 531 -20.45 13.87 -23.94
CA GLU A 531 -21.31 13.20 -24.92
C GLU A 531 -22.27 12.15 -24.33
N THR A 532 -22.37 12.12 -23.00
CA THR A 532 -23.35 11.28 -22.34
C THR A 532 -23.94 12.11 -21.21
N ASP A 533 -24.43 11.43 -20.17
CA ASP A 533 -24.23 11.89 -18.80
C ASP A 533 -23.88 10.69 -17.93
N ILE A 534 -23.05 9.79 -18.46
CA ILE A 534 -22.40 8.77 -17.65
C ILE A 534 -21.73 9.65 -16.60
N GLN A 535 -22.12 9.46 -15.34
CA GLN A 535 -21.35 9.98 -14.22
C GLN A 535 -20.43 8.84 -13.80
N LEU A 536 -19.14 8.98 -14.14
CA LEU A 536 -18.16 7.95 -13.81
C LEU A 536 -17.62 8.15 -12.39
N ARG A 537 -17.55 7.06 -11.63
CA ARG A 537 -17.01 7.09 -10.29
C ARG A 537 -15.49 7.20 -10.35
N VAL B 11 -14.37 -19.89 20.50
CA VAL B 11 -14.79 -20.80 21.59
C VAL B 11 -16.31 -20.74 21.81
N PRO B 12 -17.09 -21.03 20.74
CA PRO B 12 -16.61 -21.39 19.42
C PRO B 12 -16.73 -20.22 18.43
N VAL B 13 -15.80 -20.14 17.49
CA VAL B 13 -15.83 -19.08 16.49
C VAL B 13 -16.94 -19.41 15.51
N SER B 14 -17.61 -18.39 15.00
CA SER B 14 -18.72 -18.61 14.07
C SER B 14 -18.36 -18.24 12.64
N VAL B 15 -18.33 -19.24 11.77
CA VAL B 15 -18.02 -19.02 10.37
C VAL B 15 -19.34 -19.02 9.60
N ASP B 16 -19.86 -17.82 9.40
CA ASP B 16 -21.13 -17.59 8.74
C ASP B 16 -20.94 -16.90 7.39
N GLY B 17 -19.69 -16.78 6.96
CA GLY B 17 -19.40 -16.12 5.70
C GLY B 17 -19.83 -14.66 5.74
N GLU B 18 -19.99 -14.11 6.96
CA GLU B 18 -20.44 -12.73 7.11
C GLU B 18 -19.74 -11.91 8.20
N THR B 19 -19.37 -12.54 9.31
CA THR B 19 -18.75 -11.80 10.42
C THR B 19 -17.38 -12.25 10.91
N LEU B 20 -16.70 -13.06 10.12
CA LEU B 20 -15.38 -13.55 10.52
C LEU B 20 -14.34 -12.45 10.54
N THR B 21 -13.54 -12.42 11.60
CA THR B 21 -12.49 -11.41 11.74
C THR B 21 -11.10 -12.05 11.66
N VAL B 22 -10.10 -11.23 11.35
CA VAL B 22 -8.73 -11.70 11.26
C VAL B 22 -8.36 -12.32 12.62
N GLU B 23 -8.84 -11.71 13.70
CA GLU B 23 -8.55 -12.22 15.04
C GLU B 23 -9.18 -13.60 15.27
N ALA B 24 -10.42 -13.77 14.82
CA ALA B 24 -11.12 -15.04 14.97
C ALA B 24 -10.39 -16.13 14.19
N VAL B 25 -9.88 -15.75 13.02
CA VAL B 25 -9.15 -16.69 12.17
C VAL B 25 -7.88 -17.13 12.89
N ARG B 26 -7.19 -16.20 13.55
CA ARG B 26 -5.98 -16.54 14.28
C ARG B 26 -6.30 -17.49 15.43
N ARG B 27 -7.40 -17.22 16.14
CA ARG B 27 -7.81 -18.08 17.25
C ARG B 27 -8.02 -19.51 16.77
N VAL B 28 -8.74 -19.67 15.65
CA VAL B 28 -9.00 -20.99 15.08
C VAL B 28 -7.69 -21.64 14.65
N ALA B 29 -6.82 -20.84 14.03
CA ALA B 29 -5.54 -21.34 13.54
C ALA B 29 -4.46 -21.58 14.60
N GLU B 30 -4.11 -20.54 15.34
CA GLU B 30 -3.07 -20.61 16.35
C GLU B 30 -3.42 -21.30 17.66
N GLU B 31 -4.63 -21.08 18.16
CA GLU B 31 -5.02 -21.68 19.43
C GLU B 31 -6.07 -22.78 19.34
N ARG B 32 -6.24 -23.34 18.15
CA ARG B 32 -7.20 -24.42 17.95
C ARG B 32 -8.60 -24.09 18.47
N ALA B 33 -9.07 -22.87 18.23
CA ALA B 33 -10.40 -22.52 18.69
C ALA B 33 -11.42 -23.28 17.85
N THR B 34 -12.45 -23.81 18.50
CA THR B 34 -13.49 -24.56 17.83
C THR B 34 -14.25 -23.68 16.85
N VAL B 35 -14.60 -24.25 15.71
CA VAL B 35 -15.34 -23.50 14.69
C VAL B 35 -16.76 -24.05 14.64
N ASP B 36 -17.72 -23.20 14.29
CA ASP B 36 -19.10 -23.62 14.21
C ASP B 36 -19.86 -22.91 13.11
N VAL B 37 -20.39 -23.67 12.16
CA VAL B 37 -21.18 -23.11 11.07
C VAL B 37 -22.62 -23.02 11.60
N PRO B 38 -23.17 -21.79 11.66
CA PRO B 38 -24.53 -21.54 12.15
C PRO B 38 -25.63 -22.22 11.33
N ALA B 39 -26.74 -22.54 12.01
CA ALA B 39 -27.89 -23.18 11.38
C ALA B 39 -28.44 -22.34 10.24
N GLU B 40 -28.41 -21.02 10.41
CA GLU B 40 -28.89 -20.12 9.36
C GLU B 40 -28.07 -20.30 8.10
N SER B 41 -26.74 -20.43 8.26
CA SER B 41 -25.85 -20.61 7.11
C SER B 41 -26.05 -21.95 6.45
N ILE B 42 -26.27 -22.98 7.26
CA ILE B 42 -26.50 -24.32 6.74
C ILE B 42 -27.78 -24.35 5.89
N ALA B 43 -28.80 -23.65 6.37
CA ALA B 43 -30.08 -23.59 5.67
C ALA B 43 -29.93 -22.89 4.32
N LYS B 44 -29.13 -21.82 4.30
CA LYS B 44 -28.91 -21.09 3.05
C LYS B 44 -28.11 -21.98 2.10
N ALA B 45 -27.22 -22.79 2.66
CA ALA B 45 -26.40 -23.68 1.83
C ALA B 45 -27.27 -24.79 1.24
N GLN B 46 -28.02 -25.47 2.11
CA GLN B 46 -28.89 -26.56 1.70
C GLN B 46 -29.86 -26.13 0.59
N LYS B 47 -30.47 -24.97 0.76
CA LYS B 47 -31.42 -24.43 -0.21
C LYS B 47 -30.77 -24.02 -1.54
N SER B 48 -29.59 -23.41 -1.47
CA SER B 48 -28.88 -22.99 -2.68
C SER B 48 -28.51 -24.22 -3.47
N ARG B 49 -28.10 -25.26 -2.75
CA ARG B 49 -27.68 -26.51 -3.35
C ARG B 49 -28.84 -27.18 -4.08
N GLU B 50 -30.02 -27.17 -3.47
CA GLU B 50 -31.18 -27.80 -4.08
C GLU B 50 -31.61 -27.08 -5.34
N ILE B 51 -31.58 -25.75 -5.31
CA ILE B 51 -31.96 -24.99 -6.49
C ILE B 51 -30.90 -25.15 -7.57
N PHE B 52 -29.63 -25.02 -7.19
CA PHE B 52 -28.53 -25.16 -8.11
C PHE B 52 -28.54 -26.56 -8.72
N GLU B 53 -28.75 -27.57 -7.88
CA GLU B 53 -28.78 -28.93 -8.37
C GLU B 53 -29.85 -29.07 -9.44
N GLY B 54 -31.00 -28.45 -9.21
CA GLY B 54 -32.08 -28.53 -10.18
C GLY B 54 -31.73 -27.96 -11.54
N ILE B 55 -30.77 -27.03 -11.58
CA ILE B 55 -30.38 -26.44 -12.85
C ILE B 55 -29.25 -27.20 -13.52
N ALA B 56 -28.34 -27.75 -12.72
CA ALA B 56 -27.23 -28.51 -13.27
C ALA B 56 -27.79 -29.80 -13.82
N GLU B 57 -28.89 -30.25 -13.23
CA GLU B 57 -29.53 -31.49 -13.64
C GLU B 57 -30.14 -31.40 -15.04
N GLN B 58 -30.17 -30.19 -15.58
CA GLN B 58 -30.73 -29.99 -16.92
C GLN B 58 -29.65 -29.86 -18.00
N ASN B 59 -28.44 -30.31 -17.68
CA ASN B 59 -27.33 -30.26 -18.63
C ASN B 59 -27.10 -28.93 -19.33
N ILE B 60 -27.45 -27.82 -18.69
CA ILE B 60 -27.21 -26.52 -19.30
C ILE B 60 -25.74 -26.17 -19.04
N PRO B 61 -25.13 -25.35 -19.91
CA PRO B 61 -23.73 -24.98 -19.71
C PRO B 61 -23.44 -24.07 -18.50
N ILE B 62 -22.62 -24.59 -17.58
CA ILE B 62 -22.21 -23.86 -16.38
C ILE B 62 -20.70 -24.08 -16.22
N TYR B 63 -19.93 -23.00 -16.18
CA TYR B 63 -18.48 -23.13 -16.07
C TYR B 63 -18.00 -24.03 -14.95
N GLY B 64 -17.14 -24.98 -15.29
CA GLY B 64 -16.59 -25.88 -14.30
C GLY B 64 -17.53 -26.92 -13.74
N VAL B 65 -18.78 -26.87 -14.17
CA VAL B 65 -19.76 -27.83 -13.70
C VAL B 65 -20.09 -28.75 -14.86
N THR B 66 -20.27 -28.15 -16.03
CA THR B 66 -20.57 -28.91 -17.23
C THR B 66 -19.74 -28.42 -18.42
N THR B 67 -18.56 -27.91 -18.12
CA THR B 67 -17.64 -27.44 -19.15
C THR B 67 -16.24 -27.72 -18.66
N GLY B 68 -15.27 -27.60 -19.55
CA GLY B 68 -13.89 -27.83 -19.18
C GLY B 68 -13.42 -26.65 -18.33
N TYR B 69 -12.20 -26.75 -17.81
CA TYR B 69 -11.65 -25.69 -16.97
C TYR B 69 -10.70 -24.75 -17.71
N GLY B 70 -10.61 -23.53 -17.20
CA GLY B 70 -9.75 -22.53 -17.82
C GLY B 70 -9.94 -22.45 -19.31
N GLU B 71 -8.84 -22.49 -20.04
CA GLU B 71 -8.89 -22.40 -21.48
C GLU B 71 -9.79 -23.45 -22.14
N MET B 72 -9.88 -24.63 -21.53
CA MET B 72 -10.70 -25.69 -22.10
C MET B 72 -12.19 -25.60 -21.75
N ILE B 73 -12.64 -24.37 -21.49
CA ILE B 73 -14.05 -24.10 -21.18
C ILE B 73 -14.87 -24.37 -22.45
N TYR B 74 -14.21 -24.40 -23.61
CA TYR B 74 -14.93 -24.66 -24.85
C TYR B 74 -15.34 -26.13 -24.92
N MET B 75 -14.81 -26.95 -24.01
CA MET B 75 -15.16 -28.36 -23.99
C MET B 75 -16.43 -28.56 -23.14
N GLN B 76 -17.52 -28.94 -23.81
CA GLN B 76 -18.79 -29.18 -23.14
C GLN B 76 -18.82 -30.59 -22.55
N VAL B 77 -19.19 -30.69 -21.29
CA VAL B 77 -19.24 -31.99 -20.62
C VAL B 77 -20.65 -32.31 -20.14
N ASP B 78 -21.05 -33.56 -20.35
CA ASP B 78 -22.38 -34.02 -19.97
C ASP B 78 -22.46 -34.20 -18.44
N LYS B 79 -23.63 -33.96 -17.87
CA LYS B 79 -23.82 -34.09 -16.42
C LYS B 79 -23.55 -35.52 -15.93
N SER B 80 -23.59 -36.49 -16.83
CA SER B 80 -23.35 -37.88 -16.42
C SER B 80 -21.90 -38.04 -15.95
N LYS B 81 -21.10 -37.00 -16.14
CA LYS B 81 -19.69 -37.02 -15.74
C LYS B 81 -19.41 -36.22 -14.46
N GLU B 82 -20.48 -35.75 -13.82
CA GLU B 82 -20.41 -34.95 -12.60
C GLU B 82 -19.29 -35.11 -11.57
N VAL B 83 -19.06 -36.36 -11.15
CA VAL B 83 -18.05 -36.66 -10.14
C VAL B 83 -16.68 -36.69 -10.79
N GLU B 84 -16.55 -37.39 -11.92
CA GLU B 84 -15.26 -37.49 -12.57
C GLU B 84 -14.71 -36.11 -12.89
N LEU B 85 -15.55 -35.25 -13.47
CA LEU B 85 -15.13 -33.91 -13.84
C LEU B 85 -14.48 -33.23 -12.64
N GLN B 86 -15.23 -33.10 -11.55
CA GLN B 86 -14.71 -32.47 -10.34
C GLN B 86 -13.48 -33.15 -9.79
N THR B 87 -13.42 -34.47 -9.90
CA THR B 87 -12.30 -35.23 -9.36
C THR B 87 -11.02 -35.15 -10.16
N ASN B 88 -11.11 -35.14 -11.49
CA ASN B 88 -9.92 -35.02 -12.32
C ASN B 88 -9.32 -33.65 -12.08
N LEU B 89 -10.19 -32.67 -11.83
CA LEU B 89 -9.81 -31.28 -11.58
C LEU B 89 -8.90 -31.15 -10.35
N VAL B 90 -9.36 -31.70 -9.23
CA VAL B 90 -8.61 -31.63 -7.98
C VAL B 90 -7.30 -32.39 -8.05
N ARG B 91 -7.31 -33.52 -8.75
CA ARG B 91 -6.10 -34.33 -8.89
C ARG B 91 -5.07 -33.64 -9.75
N SER B 92 -5.42 -33.41 -11.01
CA SER B 92 -4.51 -32.75 -11.96
C SER B 92 -4.05 -31.37 -11.51
N HIS B 93 -4.75 -30.74 -10.56
CA HIS B 93 -4.33 -29.42 -10.10
C HIS B 93 -3.55 -29.42 -8.79
N SER B 94 -3.36 -30.61 -8.22
CA SER B 94 -2.59 -30.74 -7.00
C SER B 94 -1.15 -30.90 -7.47
N ALA B 95 -0.57 -29.81 -7.94
CA ALA B 95 0.79 -29.82 -8.45
C ALA B 95 1.72 -28.89 -7.70
N GLY B 96 1.36 -28.56 -6.47
CA GLY B 96 2.18 -27.68 -5.67
C GLY B 96 3.56 -28.25 -5.38
N VAL B 97 4.54 -27.39 -5.18
CA VAL B 97 5.90 -27.82 -4.89
C VAL B 97 6.45 -26.98 -3.74
N GLY B 98 7.65 -27.34 -3.27
CA GLY B 98 8.25 -26.59 -2.18
C GLY B 98 7.84 -27.06 -0.79
N PRO B 99 8.21 -26.30 0.25
CA PRO B 99 7.91 -26.59 1.65
C PRO B 99 6.41 -26.62 1.96
N LEU B 100 6.06 -27.39 2.98
CA LEU B 100 4.68 -27.51 3.43
C LEU B 100 4.45 -26.42 4.46
N PHE B 101 3.26 -25.83 4.43
CA PHE B 101 2.90 -24.80 5.40
C PHE B 101 2.85 -25.44 6.80
N ALA B 102 2.98 -24.63 7.85
CA ALA B 102 2.89 -25.19 9.20
C ALA B 102 1.42 -25.43 9.53
N GLU B 103 1.13 -26.09 10.65
CA GLU B 103 -0.25 -26.36 11.03
C GLU B 103 -1.11 -25.11 11.07
N ASP B 104 -0.66 -24.10 11.81
CA ASP B 104 -1.40 -22.86 11.94
C ASP B 104 -1.68 -22.15 10.61
N GLU B 105 -0.74 -22.21 9.67
CA GLU B 105 -0.96 -21.57 8.38
C GLU B 105 -2.00 -22.37 7.59
N ALA B 106 -1.88 -23.69 7.59
CA ALA B 106 -2.81 -24.53 6.87
C ALA B 106 -4.22 -24.41 7.45
N ARG B 107 -4.33 -24.26 8.78
CA ARG B 107 -5.64 -24.12 9.40
C ARG B 107 -6.31 -22.81 8.97
N ALA B 108 -5.55 -21.72 8.99
CA ALA B 108 -6.10 -20.43 8.60
C ALA B 108 -6.62 -20.52 7.16
N ILE B 109 -5.94 -21.31 6.33
CA ILE B 109 -6.34 -21.47 4.94
C ILE B 109 -7.66 -22.21 4.83
N VAL B 110 -7.78 -23.34 5.52
CA VAL B 110 -9.01 -24.09 5.47
C VAL B 110 -10.14 -23.27 6.12
N ALA B 111 -9.81 -22.55 7.18
CA ALA B 111 -10.81 -21.73 7.87
C ALA B 111 -11.34 -20.67 6.90
N ALA B 112 -10.44 -20.00 6.19
CA ALA B 112 -10.86 -18.98 5.23
C ALA B 112 -11.72 -19.63 4.12
N ARG B 113 -11.40 -20.87 3.75
CA ARG B 113 -12.16 -21.53 2.70
C ARG B 113 -13.57 -21.88 3.19
N LEU B 114 -13.67 -22.41 4.40
CA LEU B 114 -14.96 -22.78 4.96
C LEU B 114 -15.85 -21.56 5.08
N ASN B 115 -15.28 -20.45 5.51
CA ASN B 115 -16.05 -19.22 5.67
C ASN B 115 -16.59 -18.68 4.35
N THR B 116 -15.82 -18.87 3.28
CA THR B 116 -16.23 -18.40 1.95
C THR B 116 -17.47 -19.17 1.52
N LEU B 117 -17.38 -20.48 1.61
CA LEU B 117 -18.47 -21.36 1.21
C LEU B 117 -19.68 -21.19 2.10
N ALA B 118 -19.43 -20.79 3.36
CA ALA B 118 -20.51 -20.59 4.32
C ALA B 118 -21.36 -19.37 4.00
N LYS B 119 -20.86 -18.52 3.10
CA LYS B 119 -21.60 -17.33 2.72
C LYS B 119 -22.86 -17.76 1.95
N GLY B 120 -22.82 -18.95 1.36
CA GLY B 120 -23.98 -19.46 0.65
C GLY B 120 -24.10 -19.29 -0.84
N HIS B 121 -23.14 -18.65 -1.49
CA HIS B 121 -23.22 -18.44 -2.93
C HIS B 121 -22.33 -19.38 -3.73
N SER B 122 -21.90 -20.49 -3.11
CA SER B 122 -21.03 -21.43 -3.78
C SER B 122 -21.76 -22.68 -4.26
N ALA B 123 -22.99 -22.87 -3.78
CA ALA B 123 -23.82 -24.01 -4.15
C ALA B 123 -23.18 -25.34 -3.75
N VAL B 124 -22.52 -25.34 -2.61
CA VAL B 124 -21.88 -26.56 -2.12
C VAL B 124 -22.84 -27.23 -1.16
N ARG B 125 -22.75 -28.55 -1.01
CA ARG B 125 -23.63 -29.24 -0.07
C ARG B 125 -23.15 -28.92 1.34
N PRO B 126 -24.06 -28.89 2.31
CA PRO B 126 -23.65 -28.58 3.68
C PRO B 126 -22.61 -29.58 4.21
N ILE B 127 -22.58 -30.76 3.61
CA ILE B 127 -21.65 -31.80 4.01
C ILE B 127 -20.20 -31.34 3.89
N ILE B 128 -19.91 -30.59 2.83
CA ILE B 128 -18.56 -30.10 2.61
C ILE B 128 -18.23 -29.07 3.67
N LEU B 129 -19.19 -28.19 3.96
CA LEU B 129 -18.99 -27.21 5.01
C LEU B 129 -18.73 -28.03 6.26
N GLU B 130 -19.53 -29.08 6.47
CA GLU B 130 -19.37 -29.96 7.63
C GLU B 130 -18.01 -30.64 7.71
N ARG B 131 -17.53 -31.18 6.60
CA ARG B 131 -16.24 -31.83 6.56
C ARG B 131 -15.09 -30.90 6.95
N LEU B 132 -15.02 -29.75 6.28
CA LEU B 132 -13.99 -28.77 6.54
C LEU B 132 -13.95 -28.43 8.03
N ALA B 133 -15.12 -28.13 8.59
CA ALA B 133 -15.21 -27.81 10.01
C ALA B 133 -14.83 -29.02 10.87
N GLN B 134 -15.08 -30.22 10.36
CA GLN B 134 -14.74 -31.42 11.13
C GLN B 134 -13.23 -31.47 11.22
N TYR B 135 -12.57 -31.42 10.06
CA TYR B 135 -11.11 -31.44 9.99
C TYR B 135 -10.46 -30.45 10.95
N LEU B 136 -11.01 -29.24 11.01
CA LEU B 136 -10.49 -28.19 11.89
C LEU B 136 -10.70 -28.54 13.36
N ASN B 137 -11.93 -28.91 13.73
CA ASN B 137 -12.25 -29.26 15.11
C ASN B 137 -11.63 -30.58 15.57
N GLU B 138 -11.25 -31.45 14.64
CA GLU B 138 -10.65 -32.72 15.00
C GLU B 138 -9.15 -32.78 14.77
N GLY B 139 -8.59 -31.67 14.29
CA GLY B 139 -7.15 -31.60 14.07
C GLY B 139 -6.60 -32.31 12.86
N ILE B 140 -7.40 -32.43 11.81
CA ILE B 140 -6.94 -33.08 10.58
C ILE B 140 -6.40 -31.94 9.71
N THR B 141 -5.08 -31.78 9.70
CA THR B 141 -4.43 -30.72 8.95
C THR B 141 -3.86 -31.14 7.60
N PRO B 142 -4.33 -30.50 6.51
CA PRO B 142 -3.84 -30.84 5.18
C PRO B 142 -2.35 -30.50 5.01
N ALA B 143 -1.66 -31.29 4.19
CA ALA B 143 -0.25 -31.05 3.91
C ALA B 143 -0.29 -30.17 2.67
N ILE B 144 -0.12 -28.87 2.86
CA ILE B 144 -0.19 -27.87 1.79
C ILE B 144 1.16 -27.30 1.31
N PRO B 145 1.59 -27.65 0.09
CA PRO B 145 2.85 -27.15 -0.46
C PRO B 145 2.70 -25.64 -0.63
N GLU B 146 3.74 -24.90 -0.26
CA GLU B 146 3.72 -23.43 -0.33
C GLU B 146 3.70 -22.82 -1.73
N ILE B 147 4.39 -23.45 -2.67
CA ILE B 147 4.54 -22.90 -4.01
C ILE B 147 3.28 -23.15 -4.83
N GLY B 148 3.20 -22.48 -5.98
CA GLY B 148 2.52 -23.05 -7.14
C GLY B 148 1.18 -22.45 -7.52
N SER B 149 0.71 -21.51 -6.71
CA SER B 149 -0.48 -20.73 -7.05
C SER B 149 -0.13 -19.39 -7.68
N LEU B 150 -1.02 -18.91 -8.55
CA LEU B 150 -0.76 -17.68 -9.29
C LEU B 150 -1.67 -16.59 -8.73
N GLY B 151 -2.40 -16.94 -7.66
CA GLY B 151 -3.29 -16.01 -7.01
C GLY B 151 -4.38 -15.51 -7.94
N1 MDO B 152 -4.91 -16.31 -8.87
CA1 MDO B 152 -6.25 -16.04 -9.40
C1 MDO B 152 -6.98 -17.37 -9.67
CB MDO B 152 -6.11 -15.26 -10.72
N2 MDO B 152 -7.50 -17.72 -10.84
CA2 MDO B 152 -8.13 -18.87 -10.65
C2 MDO B 152 -7.98 -19.23 -9.32
O2 MDO B 152 -8.55 -20.30 -8.70
CB2 MDO B 152 -8.90 -19.66 -11.71
N3 MDO B 152 -7.25 -18.28 -8.75
CA3 MDO B 152 -6.78 -18.30 -7.36
C3 MDO B 152 -5.44 -19.02 -7.27
O3 MDO B 152 -5.12 -19.96 -8.01
N ASP B 153 -5.53 -19.14 -5.93
CA ASP B 153 -4.75 -20.15 -5.19
C ASP B 153 -5.12 -21.61 -5.48
N LEU B 154 -5.08 -22.01 -6.75
CA LEU B 154 -5.44 -23.36 -7.17
C LEU B 154 -4.65 -24.53 -6.59
N ALA B 155 -3.33 -24.54 -6.80
CA ALA B 155 -2.51 -25.64 -6.29
C ALA B 155 -2.70 -25.93 -4.79
N PRO B 156 -2.47 -24.92 -3.91
CA PRO B 156 -2.61 -25.10 -2.46
C PRO B 156 -4.00 -25.63 -2.07
N LEU B 157 -5.03 -24.98 -2.59
CA LEU B 157 -6.38 -25.41 -2.27
C LEU B 157 -6.69 -26.81 -2.81
N SER B 158 -6.09 -27.17 -3.93
CA SER B 158 -6.33 -28.50 -4.50
C SER B 158 -5.75 -29.57 -3.59
N HIS B 159 -4.63 -29.27 -2.95
CA HIS B 159 -4.05 -30.24 -2.04
C HIS B 159 -4.98 -30.41 -0.85
N VAL B 160 -5.65 -29.33 -0.46
CA VAL B 160 -6.60 -29.38 0.64
C VAL B 160 -7.83 -30.17 0.22
N ALA B 161 -8.38 -29.82 -0.94
CA ALA B 161 -9.55 -30.52 -1.47
C ALA B 161 -9.26 -32.01 -1.56
N SER B 162 -8.01 -32.37 -1.86
CA SER B 162 -7.61 -33.77 -1.97
C SER B 162 -7.93 -34.56 -0.69
N THR B 163 -7.47 -34.04 0.45
CA THR B 163 -7.70 -34.69 1.73
C THR B 163 -9.20 -34.82 2.02
N LEU B 164 -10.01 -34.05 1.33
CA LEU B 164 -11.45 -34.11 1.54
C LEU B 164 -12.02 -35.39 0.92
N ILE B 165 -11.36 -35.87 -0.14
CA ILE B 165 -11.80 -37.08 -0.84
C ILE B 165 -10.89 -38.29 -0.57
N GLY B 166 -10.15 -38.24 0.53
CA GLY B 166 -9.28 -39.34 0.91
C GLY B 166 -7.97 -39.45 0.17
N GLU B 167 -7.63 -38.44 -0.61
CA GLU B 167 -6.39 -38.46 -1.37
C GLU B 167 -5.42 -37.41 -0.83
N GLY B 168 -4.27 -37.26 -1.48
CA GLY B 168 -3.29 -36.29 -1.03
C GLY B 168 -2.61 -36.68 0.28
N TYR B 169 -2.23 -35.68 1.06
CA TYR B 169 -1.55 -35.93 2.33
C TYR B 169 -2.00 -34.98 3.42
N VAL B 170 -1.92 -35.46 4.66
CA VAL B 170 -2.28 -34.63 5.81
C VAL B 170 -0.99 -34.41 6.56
N LEU B 171 -0.90 -33.27 7.23
CA LEU B 171 0.30 -32.92 7.95
C LEU B 171 0.27 -33.30 9.41
N ARG B 172 1.24 -34.09 9.84
CA ARG B 172 1.32 -34.43 11.24
C ARG B 172 2.75 -34.70 11.64
N ASP B 173 3.18 -33.97 12.67
CA ASP B 173 4.54 -34.03 13.19
C ASP B 173 5.48 -33.43 12.15
N GLY B 174 4.93 -32.56 11.31
CA GLY B 174 5.70 -31.89 10.28
C GLY B 174 5.92 -32.68 9.01
N ARG B 175 5.46 -33.93 8.99
CA ARG B 175 5.62 -34.78 7.81
C ARG B 175 4.30 -35.09 7.13
N PRO B 176 4.32 -35.20 5.80
CA PRO B 176 3.10 -35.52 5.07
C PRO B 176 2.77 -37.00 5.20
N VAL B 177 1.54 -37.29 5.57
CA VAL B 177 1.09 -38.68 5.71
C VAL B 177 -0.17 -38.90 4.89
N GLU B 178 -0.15 -39.94 4.07
CA GLU B 178 -1.28 -40.30 3.21
C GLU B 178 -2.60 -40.09 3.93
N THR B 179 -3.47 -39.29 3.33
CA THR B 179 -4.78 -38.97 3.90
C THR B 179 -5.61 -40.22 4.19
N ALA B 180 -5.77 -41.09 3.19
CA ALA B 180 -6.55 -42.30 3.36
C ALA B 180 -6.27 -43.01 4.67
N GLN B 181 -5.00 -43.24 4.97
CA GLN B 181 -4.64 -43.90 6.22
C GLN B 181 -5.22 -43.13 7.38
N VAL B 182 -4.93 -41.83 7.45
CA VAL B 182 -5.42 -40.98 8.53
C VAL B 182 -6.93 -41.03 8.72
N LEU B 183 -7.68 -40.99 7.62
CA LEU B 183 -9.13 -41.02 7.71
C LEU B 183 -9.63 -42.35 8.30
N ALA B 184 -8.97 -43.44 7.95
CA ALA B 184 -9.36 -44.74 8.45
C ALA B 184 -9.00 -44.84 9.92
N GLU B 185 -7.88 -44.21 10.30
CA GLU B 185 -7.40 -44.20 11.68
C GLU B 185 -8.19 -43.21 12.52
N ARG B 186 -9.37 -42.81 12.04
CA ARG B 186 -10.20 -41.86 12.77
C ARG B 186 -11.68 -42.11 12.50
N GLY B 187 -11.96 -43.13 11.70
CA GLY B 187 -13.33 -43.49 11.39
C GLY B 187 -14.02 -42.69 10.31
N ILE B 188 -13.39 -41.59 9.89
CA ILE B 188 -13.99 -40.75 8.86
C ILE B 188 -13.99 -41.41 7.48
N GLU B 189 -15.12 -41.33 6.80
CA GLU B 189 -15.25 -41.92 5.47
C GLU B 189 -15.15 -40.80 4.43
N PRO B 190 -14.18 -40.91 3.52
CA PRO B 190 -13.97 -39.92 2.45
C PRO B 190 -15.25 -39.47 1.75
N LEU B 191 -15.27 -38.20 1.34
CA LEU B 191 -16.42 -37.67 0.63
C LEU B 191 -16.26 -37.96 -0.86
N GLU B 192 -17.27 -37.65 -1.63
CA GLU B 192 -17.23 -37.82 -3.07
C GLU B 192 -17.68 -36.48 -3.64
N LEU B 193 -16.83 -35.83 -4.40
CA LEU B 193 -17.16 -34.52 -4.96
C LEU B 193 -18.30 -34.55 -5.96
N ARG B 194 -19.27 -33.67 -5.75
CA ARG B 194 -20.42 -33.59 -6.63
C ARG B 194 -20.32 -32.38 -7.57
N PHE B 195 -21.46 -31.95 -8.11
CA PHE B 195 -21.48 -30.82 -9.04
C PHE B 195 -20.85 -29.58 -8.42
N LYS B 196 -19.82 -29.04 -9.08
CA LYS B 196 -19.18 -27.79 -8.64
C LYS B 196 -18.43 -27.79 -7.31
N GLU B 197 -18.43 -28.91 -6.59
CA GLU B 197 -17.78 -28.97 -5.28
C GLU B 197 -16.24 -28.97 -5.34
N GLY B 198 -15.65 -29.62 -6.35
CA GLY B 198 -14.21 -29.60 -6.45
C GLY B 198 -13.78 -28.18 -6.79
N LEU B 199 -14.43 -27.62 -7.81
CA LEU B 199 -14.15 -26.27 -8.27
C LEU B 199 -14.26 -25.22 -7.16
N ALA B 200 -15.36 -25.28 -6.39
CA ALA B 200 -15.60 -24.32 -5.33
C ALA B 200 -14.53 -24.36 -4.24
N LEU B 201 -14.03 -25.56 -3.94
CA LEU B 201 -13.00 -25.74 -2.92
C LEU B 201 -11.65 -25.13 -3.30
N ILE B 202 -11.34 -25.12 -4.59
CA ILE B 202 -10.04 -24.61 -5.00
C ILE B 202 -10.03 -23.26 -5.73
N ASN B 203 -11.20 -22.78 -6.12
CA ASN B 203 -11.28 -21.53 -6.88
C ASN B 203 -11.41 -20.25 -6.07
N GLY B 204 -10.46 -19.99 -5.18
CA GLY B 204 -10.53 -18.78 -4.37
C GLY B 204 -9.20 -18.23 -3.90
N THR B 205 -9.27 -17.27 -2.98
CA THR B 205 -8.09 -16.60 -2.44
C THR B 205 -7.79 -17.02 -1.02
N SER B 206 -8.36 -18.14 -0.61
CA SER B 206 -8.17 -18.65 0.75
C SER B 206 -6.71 -18.85 1.13
N GLY B 207 -5.87 -19.13 0.14
CA GLY B 207 -4.46 -19.33 0.42
C GLY B 207 -3.81 -18.06 0.95
N MET B 208 -3.88 -16.99 0.16
CA MET B 208 -3.28 -15.73 0.55
C MET B 208 -4.05 -15.04 1.67
N THR B 209 -5.37 -15.21 1.66
CA THR B 209 -6.22 -14.58 2.66
C THR B 209 -6.07 -15.20 4.05
N GLY B 210 -5.93 -16.53 4.10
CA GLY B 210 -5.77 -17.20 5.37
C GLY B 210 -4.39 -16.87 5.93
N LEU B 211 -3.37 -17.04 5.10
CA LEU B 211 -1.99 -16.75 5.51
C LEU B 211 -1.78 -15.29 5.86
N GLY B 212 -2.27 -14.40 5.01
CA GLY B 212 -2.12 -12.97 5.23
C GLY B 212 -2.83 -12.52 6.50
N SER B 213 -3.87 -13.24 6.90
CA SER B 213 -4.58 -12.86 8.12
C SER B 213 -3.64 -13.07 9.30
N LEU B 214 -3.02 -14.24 9.35
CA LEU B 214 -2.09 -14.56 10.42
C LEU B 214 -0.99 -13.50 10.46
N VAL B 215 -0.46 -13.17 9.28
CA VAL B 215 0.61 -12.18 9.17
C VAL B 215 0.22 -10.77 9.64
N VAL B 216 -0.89 -10.25 9.12
CA VAL B 216 -1.34 -8.93 9.52
C VAL B 216 -1.62 -8.85 11.02
N GLY B 217 -2.23 -9.91 11.57
CA GLY B 217 -2.49 -9.93 12.99
C GLY B 217 -1.19 -9.85 13.76
N ARG B 218 -0.20 -10.63 13.34
CA ARG B 218 1.11 -10.63 14.01
C ARG B 218 1.86 -9.33 13.75
N ALA B 219 1.67 -8.77 12.57
CA ALA B 219 2.33 -7.51 12.22
C ALA B 219 1.92 -6.45 13.23
N LEU B 220 0.64 -6.39 13.58
CA LEU B 220 0.18 -5.41 14.56
C LEU B 220 0.82 -5.64 15.93
N GLU B 221 0.88 -6.90 16.36
CA GLU B 221 1.50 -7.21 17.65
C GLU B 221 2.98 -6.84 17.56
N GLN B 222 3.56 -6.97 16.36
CA GLN B 222 4.96 -6.61 16.20
C GLN B 222 5.13 -5.10 16.29
N ALA B 223 4.12 -4.36 15.85
CA ALA B 223 4.16 -2.91 15.93
C ALA B 223 4.14 -2.52 17.41
N GLN B 224 3.29 -3.20 18.17
CA GLN B 224 3.18 -2.94 19.59
C GLN B 224 4.48 -3.24 20.32
N GLN B 225 5.05 -4.42 20.08
CA GLN B 225 6.28 -4.79 20.74
C GLN B 225 7.46 -3.92 20.32
N ALA B 226 7.37 -3.34 19.13
CA ALA B 226 8.42 -2.44 18.66
C ALA B 226 8.30 -1.14 19.47
N GLU B 227 7.05 -0.72 19.72
CA GLU B 227 6.78 0.49 20.49
C GLU B 227 7.22 0.24 21.95
N ILE B 228 7.00 -0.99 22.43
CA ILE B 228 7.37 -1.34 23.79
C ILE B 228 8.87 -1.22 24.04
N VAL B 229 9.66 -1.84 23.18
CA VAL B 229 11.11 -1.79 23.32
C VAL B 229 11.63 -0.38 23.04
N THR B 230 10.98 0.33 22.13
CA THR B 230 11.39 1.70 21.82
C THR B 230 11.22 2.60 23.06
N ALA B 231 10.14 2.34 23.80
CA ALA B 231 9.84 3.10 25.00
C ALA B 231 10.88 2.81 26.09
N LEU B 232 11.29 1.55 26.20
CA LEU B 232 12.28 1.17 27.20
C LEU B 232 13.61 1.84 26.87
N LEU B 233 13.97 1.80 25.59
CA LEU B 233 15.21 2.41 25.14
C LEU B 233 15.19 3.92 25.42
N ILE B 234 14.12 4.58 25.01
CA ILE B 234 13.98 6.02 25.22
C ILE B 234 14.19 6.38 26.69
N GLU B 235 13.70 5.53 27.58
CA GLU B 235 13.86 5.78 29.01
C GLU B 235 15.29 5.55 29.46
N ALA B 236 15.94 4.52 28.93
CA ALA B 236 17.32 4.22 29.30
C ALA B 236 18.27 5.36 28.91
N VAL B 237 18.12 5.90 27.71
CA VAL B 237 18.97 7.00 27.25
C VAL B 237 18.41 8.37 27.64
N ARG B 238 17.33 8.36 28.42
CA ARG B 238 16.67 9.57 28.89
C ARG B 238 16.32 10.59 27.80
N GLY B 239 15.64 10.14 26.75
CA GLY B 239 15.25 11.03 25.68
C GLY B 239 14.08 11.91 26.11
N SER B 240 13.68 12.85 25.25
CA SER B 240 12.57 13.77 25.50
C SER B 240 11.18 13.17 25.23
N THR B 241 10.21 13.52 26.07
CA THR B 241 8.85 13.02 25.92
C THR B 241 8.08 13.90 24.94
N SER B 242 8.62 15.09 24.71
CA SER B 242 8.02 16.08 23.81
C SER B 242 7.50 15.58 22.46
N PRO B 243 8.25 14.71 21.78
CA PRO B 243 7.81 14.20 20.48
C PRO B 243 6.47 13.47 20.46
N PHE B 244 6.00 13.04 21.62
CA PHE B 244 4.75 12.28 21.72
C PHE B 244 3.54 13.06 22.26
N LEU B 245 3.70 14.35 22.49
CA LEU B 245 2.61 15.18 23.00
C LEU B 245 1.43 15.12 22.03
N ALA B 246 0.26 14.79 22.57
CA ALA B 246 -0.97 14.67 21.79
C ALA B 246 -1.22 15.78 20.78
N GLU B 247 -1.02 17.02 21.21
CA GLU B 247 -1.30 18.18 20.37
C GLU B 247 -0.54 18.11 19.06
N GLY B 248 0.53 17.31 19.05
CA GLY B 248 1.41 17.23 17.89
C GLY B 248 0.95 16.21 16.88
N HIS B 249 -0.04 15.41 17.26
CA HIS B 249 -0.61 14.42 16.36
C HIS B 249 -2.13 14.56 16.21
N ASP B 250 -2.83 14.41 17.33
CA ASP B 250 -4.28 14.52 17.35
C ASP B 250 -4.74 15.85 16.73
N ILE B 251 -3.91 16.87 16.85
CA ILE B 251 -4.22 18.19 16.31
C ILE B 251 -3.45 18.57 15.05
N ALA B 252 -2.12 18.57 15.15
CA ALA B 252 -1.26 18.94 14.03
C ALA B 252 -1.19 18.00 12.81
N ARG B 253 -1.18 16.69 13.05
CA ARG B 253 -1.07 15.73 11.95
C ARG B 253 -1.87 14.47 12.28
N PRO B 254 -3.21 14.57 12.20
CA PRO B 254 -4.14 13.48 12.48
C PRO B 254 -4.09 12.25 11.57
N HIS B 255 -3.00 11.50 11.59
CA HIS B 255 -2.93 10.28 10.80
C HIS B 255 -3.31 9.25 11.86
N GLU B 256 -4.33 8.45 11.57
CA GLU B 256 -4.80 7.47 12.53
C GLU B 256 -3.68 6.72 13.23
N GLY B 257 -2.93 5.93 12.46
CA GLY B 257 -1.83 5.20 13.06
C GLY B 257 -0.87 6.07 13.84
N GLN B 258 -0.66 7.31 13.42
CA GLN B 258 0.27 8.19 14.10
C GLN B 258 -0.25 8.55 15.48
N ILE B 259 -1.55 8.77 15.58
CA ILE B 259 -2.20 9.10 16.84
C ILE B 259 -2.08 7.91 17.80
N ASP B 260 -2.31 6.71 17.29
CA ASP B 260 -2.22 5.51 18.11
C ASP B 260 -0.84 5.33 18.72
N THR B 261 0.19 5.25 17.87
CA THR B 261 1.55 5.07 18.34
C THR B 261 1.88 6.12 19.40
N ALA B 262 1.66 7.40 19.08
CA ALA B 262 1.93 8.49 20.00
C ALA B 262 1.27 8.20 21.35
N ALA B 263 0.05 7.65 21.32
CA ALA B 263 -0.68 7.34 22.54
C ALA B 263 -0.08 6.16 23.30
N ASN B 264 0.31 5.12 22.58
CA ASN B 264 0.90 3.95 23.23
C ASN B 264 2.21 4.31 23.91
N MET B 265 2.96 5.21 23.29
CA MET B 265 4.24 5.64 23.81
C MET B 265 4.03 6.43 25.10
N ARG B 266 3.00 7.29 25.12
CA ARG B 266 2.70 8.09 26.29
C ARG B 266 2.25 7.23 27.45
N ALA B 267 1.51 6.18 27.14
CA ALA B 267 1.02 5.27 28.16
C ALA B 267 2.15 4.38 28.65
N LEU B 268 3.06 4.04 27.75
CA LEU B 268 4.18 3.18 28.09
C LEU B 268 5.23 3.85 28.96
N MET B 269 5.43 5.14 28.76
CA MET B 269 6.43 5.86 29.53
C MET B 269 5.86 6.58 30.74
N ARG B 270 4.55 6.44 30.96
CA ARG B 270 3.91 7.07 32.11
C ARG B 270 4.56 6.59 33.40
N GLY B 271 4.97 7.55 34.23
CA GLY B 271 5.58 7.20 35.51
C GLY B 271 7.08 6.97 35.44
N SER B 272 7.72 7.53 34.42
CA SER B 272 9.16 7.38 34.29
C SER B 272 9.92 8.51 34.96
N GLY B 273 10.96 8.15 35.72
CA GLY B 273 11.77 9.16 36.37
C GLY B 273 12.98 9.47 35.50
N LEU B 274 13.13 8.69 34.43
CA LEU B 274 14.25 8.84 33.51
C LEU B 274 14.03 9.78 32.34
N THR B 275 12.84 9.75 31.75
CA THR B 275 12.57 10.62 30.63
C THR B 275 12.58 12.07 31.08
N VAL B 276 12.78 12.98 30.14
CA VAL B 276 12.83 14.41 30.44
C VAL B 276 11.81 15.17 29.61
N GLU B 277 11.33 16.28 30.14
CA GLU B 277 10.35 17.07 29.41
C GLU B 277 11.02 18.27 28.76
N HIS B 278 10.54 18.64 27.57
CA HIS B 278 11.10 19.76 26.85
C HIS B 278 11.41 20.94 27.75
N ALA B 279 10.48 21.28 28.64
CA ALA B 279 10.66 22.41 29.56
C ALA B 279 11.99 22.31 30.32
N ASP B 280 12.24 21.15 30.91
CA ASP B 280 13.47 20.92 31.65
C ASP B 280 14.68 21.06 30.73
N LEU B 281 14.62 20.46 29.55
CA LEU B 281 15.72 20.52 28.60
C LEU B 281 16.19 21.93 28.28
N ARG B 282 15.26 22.79 27.87
CA ARG B 282 15.60 24.17 27.53
C ARG B 282 16.10 24.95 28.73
N ARG B 283 15.52 24.69 29.90
CA ARG B 283 15.93 25.37 31.13
C ARG B 283 17.37 24.96 31.44
N GLU B 284 17.65 23.67 31.29
CA GLU B 284 18.97 23.15 31.54
C GLU B 284 19.92 23.67 30.48
N LEU B 285 19.38 23.87 29.27
CA LEU B 285 20.17 24.36 28.16
C LEU B 285 20.42 25.86 28.25
N GLN B 286 19.49 26.60 28.85
CA GLN B 286 19.68 28.04 28.97
C GLN B 286 20.64 28.38 30.10
N LYS B 287 20.68 27.53 31.12
CA LYS B 287 21.58 27.74 32.24
C LYS B 287 22.99 27.27 31.89
N ASP B 288 23.09 26.59 30.75
CA ASP B 288 24.36 26.09 30.26
C ASP B 288 24.92 27.17 29.33
N LYS B 289 24.03 28.06 28.87
CA LYS B 289 24.39 29.15 27.98
C LYS B 289 24.87 30.34 28.80
N GLU B 290 25.94 30.98 28.34
CA GLU B 290 26.50 32.13 29.04
C GLU B 290 26.22 33.39 28.23
N ALA B 291 25.54 34.35 28.86
CA ALA B 291 25.14 35.61 28.23
C ALA B 291 26.18 36.32 27.36
N GLY B 292 27.46 35.98 27.52
CA GLY B 292 28.49 36.63 26.73
C GLY B 292 28.69 36.42 25.23
N LYS B 293 28.77 35.17 24.82
CA LYS B 293 28.97 34.82 23.41
C LYS B 293 27.68 34.53 22.65
N ASP B 294 27.68 34.89 21.37
CA ASP B 294 26.51 34.71 20.50
C ASP B 294 26.36 33.27 20.01
N VAL B 295 27.47 32.65 19.65
CA VAL B 295 27.46 31.27 19.19
C VAL B 295 28.37 30.46 20.09
N GLN B 296 27.77 29.59 20.90
CA GLN B 296 28.52 28.76 21.84
C GLN B 296 28.16 27.29 21.66
N ARG B 297 29.09 26.42 22.03
CA ARG B 297 28.88 24.98 21.92
C ARG B 297 28.30 24.42 23.22
N SER B 298 27.32 23.55 23.09
CA SER B 298 26.70 22.92 24.25
C SER B 298 26.72 21.42 24.01
N GLU B 299 26.74 20.64 25.09
CA GLU B 299 26.75 19.20 24.97
C GLU B 299 25.35 18.63 25.15
N ILE B 300 24.39 19.53 25.31
CA ILE B 300 22.99 19.15 25.50
C ILE B 300 22.20 19.21 24.20
N TYR B 301 21.38 18.20 23.97
CA TYR B 301 20.55 18.12 22.77
C TYR B 301 19.10 18.41 23.10
N LEU B 302 18.62 19.57 22.67
CA LEU B 302 17.24 19.98 22.91
C LEU B 302 16.29 18.99 22.24
N GLN B 303 16.81 18.26 21.25
CA GLN B 303 16.06 17.25 20.51
C GLN B 303 16.94 16.04 20.27
N LYS B 304 16.33 14.88 20.06
CA LYS B 304 17.07 13.64 19.82
C LYS B 304 17.01 13.19 18.36
N ALA B 305 17.86 12.23 18.01
CA ALA B 305 17.90 11.72 16.65
C ALA B 305 16.52 11.25 16.20
N TYR B 306 16.31 11.20 14.88
CA TYR B 306 15.02 10.77 14.35
C TYR B 306 14.57 9.43 14.93
N SER B 307 15.49 8.49 15.03
CA SER B 307 15.16 7.17 15.57
C SER B 307 14.49 7.19 16.93
N LEU B 308 14.67 8.28 17.69
CA LEU B 308 14.06 8.39 19.03
C LEU B 308 13.06 9.54 19.12
N ARG B 309 12.71 10.13 17.99
CA ARG B 309 11.81 11.26 17.98
C ARG B 309 10.71 11.15 16.92
N ALA B 310 10.97 10.39 15.86
CA ALA B 310 10.00 10.21 14.79
C ALA B 310 9.27 8.88 14.84
N ILE B 311 9.18 8.30 16.03
CA ILE B 311 8.50 7.02 16.21
C ILE B 311 7.02 7.06 15.78
N PRO B 312 6.29 8.11 16.20
CA PRO B 312 4.87 8.20 15.83
C PRO B 312 4.64 8.28 14.32
N GLN B 313 5.47 9.09 13.65
CA GLN B 313 5.36 9.25 12.20
C GLN B 313 5.62 7.95 11.44
N VAL B 314 6.73 7.29 11.78
CA VAL B 314 7.13 6.05 11.12
C VAL B 314 6.30 4.82 11.50
N VAL B 315 6.15 4.55 12.80
CA VAL B 315 5.37 3.39 13.23
C VAL B 315 3.92 3.66 12.88
N GLY B 316 3.56 4.94 12.87
CA GLY B 316 2.20 5.31 12.53
C GLY B 316 1.92 4.88 11.11
N ALA B 317 2.83 5.20 10.20
CA ALA B 317 2.68 4.84 8.79
C ALA B 317 2.52 3.32 8.66
N VAL B 318 3.38 2.58 9.35
CA VAL B 318 3.31 1.12 9.33
C VAL B 318 1.91 0.72 9.82
N ARG B 319 1.47 1.28 10.94
CA ARG B 319 0.13 0.98 11.48
C ARG B 319 -0.96 1.21 10.44
N ASP B 320 -0.95 2.38 9.80
CA ASP B 320 -1.93 2.73 8.78
C ASP B 320 -2.02 1.67 7.69
N THR B 321 -0.85 1.27 7.18
CA THR B 321 -0.78 0.25 6.15
C THR B 321 -1.41 -1.05 6.68
N LEU B 322 -1.05 -1.42 7.91
CA LEU B 322 -1.58 -2.64 8.50
C LEU B 322 -3.11 -2.54 8.73
N TYR B 323 -3.61 -1.36 9.09
CA TYR B 323 -5.05 -1.19 9.30
C TYR B 323 -5.79 -1.40 7.99
N HIS B 324 -5.14 -0.99 6.90
CA HIS B 324 -5.72 -1.10 5.57
C HIS B 324 -5.79 -2.55 5.13
N ALA B 325 -4.69 -3.27 5.34
CA ALA B 325 -4.61 -4.68 4.96
C ALA B 325 -5.60 -5.52 5.79
N ARG B 326 -5.74 -5.21 7.07
CA ARG B 326 -6.64 -5.96 7.93
C ARG B 326 -8.07 -5.73 7.47
N HIS B 327 -8.36 -4.51 7.04
CA HIS B 327 -9.68 -4.15 6.56
C HIS B 327 -9.98 -4.97 5.30
N LYS B 328 -9.07 -4.93 4.34
CA LYS B 328 -9.20 -5.66 3.08
C LYS B 328 -9.38 -7.14 3.38
N LEU B 329 -8.56 -7.66 4.30
CA LEU B 329 -8.63 -9.07 4.66
C LEU B 329 -9.98 -9.43 5.24
N ARG B 330 -10.55 -8.53 6.04
CA ARG B 330 -11.85 -8.75 6.66
C ARG B 330 -12.95 -8.88 5.60
N ILE B 331 -12.90 -8.01 4.60
CA ILE B 331 -13.88 -8.06 3.53
C ILE B 331 -13.67 -9.34 2.72
N GLU B 332 -12.42 -9.70 2.43
CA GLU B 332 -12.14 -10.91 1.67
C GLU B 332 -12.57 -12.16 2.42
N LEU B 333 -12.29 -12.19 3.71
CA LEU B 333 -12.67 -13.34 4.53
C LEU B 333 -14.16 -13.62 4.39
N ASN B 334 -14.96 -12.55 4.38
CA ASN B 334 -16.40 -12.68 4.28
C ASN B 334 -16.93 -12.43 2.88
N SER B 335 -16.18 -12.89 1.90
CA SER B 335 -16.57 -12.68 0.53
C SER B 335 -16.83 -14.01 -0.16
N ALA B 336 -17.53 -13.96 -1.28
CA ALA B 336 -17.80 -15.15 -2.04
C ALA B 336 -16.73 -15.21 -3.11
N ASN B 337 -15.48 -15.39 -2.67
CA ASN B 337 -14.36 -15.46 -3.62
C ASN B 337 -14.36 -16.86 -4.16
N ASP B 338 -15.16 -17.03 -5.21
CA ASP B 338 -15.34 -18.29 -5.88
C ASP B 338 -16.00 -17.96 -7.20
N ASN B 339 -16.16 -18.95 -8.06
CA ASN B 339 -16.80 -18.71 -9.35
C ASN B 339 -17.14 -20.09 -9.88
N PRO B 340 -18.29 -20.22 -10.58
CA PRO B 340 -19.23 -19.13 -10.88
C PRO B 340 -20.01 -19.06 -9.57
N LEU B 341 -20.94 -18.10 -9.47
CA LEU B 341 -21.73 -17.92 -8.25
C LEU B 341 -23.24 -18.01 -8.40
N PHE B 342 -23.90 -18.45 -7.34
CA PHE B 342 -25.34 -18.57 -7.34
C PHE B 342 -26.02 -17.47 -6.54
N PHE B 343 -26.99 -16.82 -7.17
CA PHE B 343 -27.77 -15.76 -6.55
C PHE B 343 -29.21 -16.10 -6.90
N GLU B 344 -29.97 -16.54 -5.90
CA GLU B 344 -31.36 -16.91 -6.09
C GLU B 344 -32.16 -15.96 -7.00
N GLY B 345 -32.92 -16.55 -7.92
CA GLY B 345 -33.72 -15.74 -8.83
C GLY B 345 -32.89 -15.03 -9.87
N LYS B 346 -31.70 -15.56 -10.14
CA LYS B 346 -30.81 -14.96 -11.12
C LYS B 346 -30.00 -15.99 -11.88
N GLU B 347 -29.46 -15.57 -13.01
CA GLU B 347 -28.63 -16.40 -13.87
C GLU B 347 -27.33 -16.68 -13.09
N ILE B 348 -26.64 -17.76 -13.40
CA ILE B 348 -25.40 -18.08 -12.70
C ILE B 348 -24.39 -16.96 -13.00
N PHE B 349 -23.79 -16.39 -11.95
CA PHE B 349 -22.80 -15.32 -12.12
C PHE B 349 -21.46 -15.86 -12.61
N HIS B 350 -21.02 -15.40 -13.77
CA HIS B 350 -19.73 -15.84 -14.31
C HIS B 350 -18.76 -14.69 -14.32
N GLY B 351 -17.94 -14.61 -13.28
CA GLY B 351 -16.98 -13.53 -13.16
C GLY B 351 -15.58 -13.96 -12.80
N ALA B 352 -14.96 -13.20 -11.89
CA ALA B 352 -13.60 -13.48 -11.47
C ALA B 352 -13.32 -13.08 -10.02
N ASN B 353 -14.18 -13.51 -9.10
CA ASN B 353 -13.97 -13.18 -7.70
C ASN B 353 -12.89 -14.04 -7.05
N PHE B 354 -12.25 -14.87 -7.86
CA PHE B 354 -11.18 -15.74 -7.39
C PHE B 354 -9.83 -15.00 -7.48
N HIS B 355 -9.86 -13.85 -8.16
CA HIS B 355 -8.67 -13.04 -8.38
C HIS B 355 -8.22 -12.33 -7.10
N GLY B 356 -7.03 -12.67 -6.62
CA GLY B 356 -6.55 -12.06 -5.38
C GLY B 356 -5.84 -10.74 -5.45
N GLN B 357 -6.10 -9.94 -6.49
CA GLN B 357 -5.44 -8.66 -6.62
C GLN B 357 -5.54 -7.79 -5.35
N PRO B 358 -6.76 -7.56 -4.85
CA PRO B 358 -6.91 -6.75 -3.64
C PRO B 358 -6.06 -7.16 -2.43
N ILE B 359 -5.88 -8.46 -2.24
CA ILE B 359 -5.08 -8.95 -1.12
C ILE B 359 -3.64 -8.96 -1.55
N ALA B 360 -3.42 -9.32 -2.81
CA ALA B 360 -2.08 -9.34 -3.38
C ALA B 360 -1.41 -7.99 -3.13
N PHE B 361 -2.15 -6.90 -3.39
CA PHE B 361 -1.64 -5.56 -3.18
C PHE B 361 -1.40 -5.29 -1.69
N ALA B 362 -2.43 -5.58 -0.89
CA ALA B 362 -2.36 -5.37 0.55
C ALA B 362 -1.12 -5.99 1.19
N MET B 363 -0.82 -7.24 0.83
CA MET B 363 0.34 -7.91 1.39
C MET B 363 1.67 -7.34 0.90
N ASP B 364 1.72 -6.89 -0.36
CA ASP B 364 2.95 -6.29 -0.88
C ASP B 364 3.24 -5.02 -0.06
N PHE B 365 2.17 -4.37 0.41
CA PHE B 365 2.29 -3.15 1.18
C PHE B 365 2.78 -3.42 2.59
N VAL B 366 2.29 -4.51 3.17
CA VAL B 366 2.68 -4.92 4.52
C VAL B 366 4.16 -5.24 4.52
N THR B 367 4.64 -5.88 3.45
CA THR B 367 6.05 -6.23 3.30
C THR B 367 6.91 -4.97 3.36
N ILE B 368 6.48 -3.93 2.64
CA ILE B 368 7.19 -2.65 2.59
C ILE B 368 7.14 -2.02 3.98
N ALA B 369 5.93 -1.91 4.50
CA ALA B 369 5.70 -1.33 5.81
C ALA B 369 6.56 -2.01 6.87
N LEU B 370 6.50 -3.34 6.95
CA LEU B 370 7.29 -4.04 7.96
C LEU B 370 8.79 -3.86 7.73
N THR B 371 9.18 -3.74 6.47
CA THR B 371 10.59 -3.54 6.14
C THR B 371 11.07 -2.25 6.81
N GLN B 372 10.28 -1.18 6.73
CA GLN B 372 10.68 0.08 7.36
C GLN B 372 10.68 -0.05 8.87
N LEU B 373 9.74 -0.81 9.41
CA LEU B 373 9.69 -1.00 10.86
C LEU B 373 11.02 -1.59 11.29
N GLY B 374 11.53 -2.51 10.47
CA GLY B 374 12.81 -3.14 10.75
C GLY B 374 13.97 -2.18 10.63
N VAL B 375 13.90 -1.24 9.68
CA VAL B 375 14.96 -0.27 9.48
C VAL B 375 15.10 0.59 10.74
N LEU B 376 13.97 1.04 11.26
CA LEU B 376 13.93 1.85 12.47
C LEU B 376 14.55 1.11 13.65
N ALA B 377 14.15 -0.13 13.86
CA ALA B 377 14.67 -0.92 14.97
C ALA B 377 16.19 -1.03 14.84
N GLU B 378 16.63 -1.38 13.64
CA GLU B 378 18.05 -1.51 13.33
C GLU B 378 18.88 -0.29 13.74
N ARG B 379 18.41 0.90 13.36
CA ARG B 379 19.11 2.13 13.69
C ARG B 379 19.09 2.46 15.19
N GLN B 380 18.07 2.01 15.91
CA GLN B 380 18.01 2.27 17.34
C GLN B 380 19.05 1.40 18.04
N ILE B 381 19.29 0.21 17.48
CA ILE B 381 20.28 -0.71 18.03
C ILE B 381 21.63 -0.01 17.86
N ASN B 382 21.83 0.56 16.66
CA ASN B 382 23.05 1.28 16.30
C ASN B 382 23.24 2.47 17.24
N ARG B 383 22.12 3.12 17.55
CA ARG B 383 22.10 4.27 18.41
C ARG B 383 22.72 3.94 19.78
N VAL B 384 22.25 2.88 20.44
CA VAL B 384 22.80 2.55 21.74
C VAL B 384 24.21 2.01 21.73
N LEU B 385 24.55 1.26 20.67
CA LEU B 385 25.88 0.67 20.56
C LEU B 385 27.01 1.66 20.18
N ASN B 386 26.66 2.82 19.65
CA ASN B 386 27.66 3.82 19.25
C ASN B 386 27.89 4.84 20.38
N ARG B 387 29.08 4.79 20.98
CA ARG B 387 29.39 5.70 22.07
C ARG B 387 29.22 7.17 21.69
N HIS B 388 29.36 7.48 20.40
CA HIS B 388 29.20 8.86 19.92
C HIS B 388 27.73 9.25 19.84
N LEU B 389 26.84 8.27 19.89
CA LEU B 389 25.41 8.53 19.80
C LEU B 389 24.59 8.04 20.99
N SER B 390 25.12 7.08 21.75
CA SER B 390 24.39 6.49 22.89
C SER B 390 24.05 7.43 24.05
N TYR B 391 24.58 8.65 24.03
CA TYR B 391 24.31 9.62 25.09
C TYR B 391 24.94 9.27 26.44
N GLY B 392 26.19 8.81 26.41
CA GLY B 392 26.87 8.50 27.66
C GLY B 392 27.11 7.04 28.05
N LEU B 393 26.66 6.10 27.22
CA LEU B 393 26.87 4.69 27.53
C LEU B 393 28.23 4.25 27.01
N PRO B 394 28.78 3.15 27.57
CA PRO B 394 30.08 2.67 27.11
C PRO B 394 29.97 2.08 25.72
N GLU B 395 31.08 2.08 24.98
CA GLU B 395 31.06 1.55 23.63
C GLU B 395 30.52 0.12 23.52
N PHE B 396 29.58 -0.06 22.61
CA PHE B 396 28.96 -1.35 22.34
C PHE B 396 28.50 -2.10 23.58
N LEU B 397 28.13 -1.33 24.60
CA LEU B 397 27.65 -1.87 25.87
C LEU B 397 28.59 -2.85 26.56
N VAL B 398 29.89 -2.60 26.49
CA VAL B 398 30.84 -3.45 27.17
C VAL B 398 30.88 -3.03 28.65
N SER B 399 30.62 -3.96 29.56
CA SER B 399 30.63 -3.63 30.97
C SER B 399 32.04 -3.67 31.55
N GLY B 400 32.85 -4.61 31.07
CA GLY B 400 34.23 -4.71 31.54
C GLY B 400 35.16 -3.83 30.74
N ASP B 401 36.28 -4.41 30.28
CA ASP B 401 37.26 -3.67 29.50
C ASP B 401 37.01 -3.87 27.99
N PRO B 402 36.71 -2.76 27.27
CA PRO B 402 36.46 -2.83 25.83
C PRO B 402 37.72 -3.30 25.11
N GLY B 403 37.61 -3.59 23.82
CA GLY B 403 38.75 -4.07 23.07
C GLY B 403 38.98 -5.50 23.46
N LEU B 404 39.25 -5.75 24.74
CA LEU B 404 39.46 -7.11 25.22
C LEU B 404 38.11 -7.81 25.04
N HIS B 405 37.03 -7.09 25.35
CA HIS B 405 35.68 -7.60 25.19
C HIS B 405 34.96 -6.72 24.18
N SER B 406 34.18 -7.34 23.30
CA SER B 406 33.45 -6.61 22.29
C SER B 406 32.01 -6.31 22.71
N GLY B 407 31.52 -7.02 23.73
CA GLY B 407 30.17 -6.79 24.18
C GLY B 407 29.14 -7.17 23.12
N PHE B 408 28.33 -6.20 22.71
CA PHE B 408 27.30 -6.42 21.70
C PHE B 408 27.75 -6.13 20.27
N ALA B 409 29.02 -5.78 20.11
CA ALA B 409 29.55 -5.47 18.78
C ALA B 409 29.08 -6.45 17.70
N GLY B 410 29.22 -7.74 17.97
CA GLY B 410 28.84 -8.76 17.01
C GLY B 410 27.36 -9.05 16.89
N ALA B 411 26.60 -8.70 17.93
CA ALA B 411 25.16 -8.91 17.95
C ALA B 411 24.47 -8.00 16.95
N GLN B 412 25.07 -6.84 16.69
CA GLN B 412 24.49 -5.89 15.76
C GLN B 412 24.47 -6.38 14.30
N TYR B 413 25.45 -7.17 13.90
CA TYR B 413 25.53 -7.63 12.51
C TYR B 413 24.34 -8.44 11.98
N PRO B 414 23.86 -9.46 12.71
CA PRO B 414 22.72 -10.22 12.19
C PRO B 414 21.51 -9.30 11.96
N ALA B 415 21.41 -8.23 12.75
CA ALA B 415 20.31 -7.29 12.62
C ALA B 415 20.50 -6.38 11.40
N THR B 416 21.72 -5.88 11.22
CA THR B 416 22.02 -5.02 10.08
C THR B 416 21.89 -5.84 8.81
N ALA B 417 22.34 -7.09 8.87
CA ALA B 417 22.30 -7.98 7.71
C ALA B 417 20.86 -8.28 7.32
N LEU B 418 19.96 -8.30 8.30
CA LEU B 418 18.56 -8.58 8.03
C LEU B 418 17.86 -7.40 7.38
N VAL B 419 18.30 -6.18 7.69
CA VAL B 419 17.68 -5.01 7.06
C VAL B 419 17.97 -5.10 5.56
N ALA B 420 19.18 -5.56 5.24
CA ALA B 420 19.59 -5.69 3.85
C ALA B 420 18.81 -6.79 3.12
N GLU B 421 18.54 -7.89 3.82
CA GLU B 421 17.81 -9.00 3.24
C GLU B 421 16.37 -8.63 2.94
N ASN B 422 15.73 -7.94 3.87
CA ASN B 422 14.35 -7.51 3.69
C ASN B 422 14.23 -6.60 2.49
N ARG B 423 15.28 -5.82 2.22
CA ARG B 423 15.29 -4.91 1.08
C ARG B 423 15.49 -5.59 -0.27
N THR B 424 15.82 -6.88 -0.27
CA THR B 424 16.01 -7.60 -1.54
C THR B 424 14.71 -8.29 -1.96
N ILE B 425 13.66 -8.11 -1.16
CA ILE B 425 12.37 -8.71 -1.43
C ILE B 425 11.50 -7.71 -2.18
N GLY B 426 11.19 -8.03 -3.43
CA GLY B 426 10.38 -7.13 -4.24
C GLY B 426 8.90 -7.43 -4.28
N PRO B 427 8.08 -6.45 -4.68
CA PRO B 427 6.63 -6.67 -4.76
C PRO B 427 6.38 -7.85 -5.69
N ALA B 428 5.35 -8.64 -5.40
CA ALA B 428 5.01 -9.81 -6.23
C ALA B 428 3.72 -9.58 -7.01
N SER B 429 2.83 -8.76 -6.45
CA SER B 429 1.54 -8.49 -7.05
C SER B 429 1.59 -7.89 -8.45
N THR B 430 2.76 -7.46 -8.89
CA THR B 430 2.87 -6.87 -10.22
C THR B 430 3.59 -7.79 -11.20
N GLN B 431 3.91 -9.00 -10.75
CA GLN B 431 4.66 -9.96 -11.56
C GLN B 431 3.88 -10.99 -12.36
N SER B 432 2.68 -10.63 -12.79
CA SER B 432 1.86 -11.54 -13.57
C SER B 432 2.57 -12.12 -14.79
N VAL B 433 2.46 -13.44 -14.96
CA VAL B 433 3.02 -14.13 -16.12
C VAL B 433 1.84 -14.89 -16.74
N PRO B 434 1.46 -14.57 -17.97
CA PRO B 434 0.34 -15.24 -18.63
C PRO B 434 0.50 -16.75 -18.77
N SER B 435 -0.52 -17.51 -18.40
CA SER B 435 -0.46 -18.96 -18.53
C SER B 435 -1.79 -19.52 -19.02
N ASN B 436 -1.84 -20.86 -19.10
CA ASN B 436 -3.04 -21.57 -19.55
C ASN B 436 -3.60 -21.07 -20.88
N GLY B 437 -2.81 -21.15 -21.94
CA GLY B 437 -3.26 -20.72 -23.25
C GLY B 437 -3.72 -19.27 -23.27
N ASP B 438 -3.08 -18.44 -22.45
CA ASP B 438 -3.41 -17.03 -22.35
C ASP B 438 -4.77 -16.78 -21.70
N ASN B 439 -5.40 -17.82 -21.15
CA ASN B 439 -6.68 -17.60 -20.48
C ASN B 439 -6.43 -16.87 -19.16
N GLN B 440 -5.39 -17.27 -18.46
CA GLN B 440 -5.03 -16.60 -17.21
C GLN B 440 -3.96 -15.60 -17.60
N ASP B 441 -4.34 -14.59 -18.39
CA ASP B 441 -3.38 -13.60 -18.85
C ASP B 441 -3.01 -12.49 -17.86
N VAL B 442 -3.74 -12.40 -16.75
CA VAL B 442 -3.45 -11.43 -15.70
C VAL B 442 -3.81 -12.05 -14.34
N VAL B 443 -2.81 -12.29 -13.51
CA VAL B 443 -3.01 -12.89 -12.20
C VAL B 443 -2.44 -11.98 -11.12
N SER B 444 -2.56 -12.37 -9.85
CA SER B 444 -2.05 -11.50 -8.79
C SER B 444 -0.82 -11.96 -8.02
N MET B 445 -0.56 -13.28 -7.98
CA MET B 445 0.58 -13.82 -7.25
C MET B 445 0.50 -13.40 -5.77
N GLY B 446 -0.72 -13.19 -5.29
CA GLY B 446 -0.96 -12.78 -3.93
C GLY B 446 -0.40 -13.67 -2.83
N LEU B 447 -0.33 -14.97 -3.09
CA LEU B 447 0.20 -15.85 -2.07
C LEU B 447 1.70 -15.65 -1.96
N ILE B 448 2.32 -15.25 -3.07
CA ILE B 448 3.76 -15.01 -3.04
C ILE B 448 3.96 -13.73 -2.21
N SER B 449 3.08 -12.76 -2.42
CA SER B 449 3.15 -11.49 -1.68
C SER B 449 3.00 -11.76 -0.18
N ALA B 450 2.03 -12.60 0.18
CA ALA B 450 1.81 -12.94 1.59
C ALA B 450 3.02 -13.67 2.20
N ARG B 451 3.67 -14.54 1.44
CA ARG B 451 4.85 -15.22 1.99
C ARG B 451 6.02 -14.25 2.15
N ASN B 452 6.08 -13.24 1.29
CA ASN B 452 7.12 -12.23 1.39
C ASN B 452 6.93 -11.48 2.71
N ALA B 453 5.68 -11.15 3.03
CA ALA B 453 5.35 -10.42 4.24
C ALA B 453 5.70 -11.29 5.45
N ARG B 454 5.32 -12.56 5.42
CA ARG B 454 5.65 -13.46 6.52
C ARG B 454 7.16 -13.46 6.77
N ARG B 455 7.94 -13.39 5.69
CA ARG B 455 9.39 -13.40 5.79
C ARG B 455 9.97 -12.20 6.51
N VAL B 456 9.46 -11.00 6.21
CA VAL B 456 9.95 -9.78 6.84
C VAL B 456 9.48 -9.79 8.28
N LEU B 457 8.28 -10.31 8.51
CA LEU B 457 7.73 -10.39 9.86
C LEU B 457 8.71 -11.23 10.66
N SER B 458 9.00 -12.41 10.14
CA SER B 458 9.90 -13.36 10.77
C SER B 458 11.27 -12.71 11.03
N ASN B 459 11.81 -12.04 10.01
CA ASN B 459 13.11 -11.40 10.15
C ASN B 459 13.11 -10.27 11.18
N ASN B 460 12.01 -9.53 11.29
CA ASN B 460 11.95 -8.43 12.24
C ASN B 460 12.03 -8.92 13.70
N ASN B 461 11.50 -10.11 13.98
CA ASN B 461 11.55 -10.63 15.33
C ASN B 461 13.01 -10.75 15.77
N LYS B 462 13.87 -11.10 14.80
CA LYS B 462 15.29 -11.26 15.06
C LYS B 462 15.93 -9.91 15.31
N ILE B 463 15.54 -8.90 14.51
CA ILE B 463 16.08 -7.56 14.66
C ILE B 463 15.66 -7.02 16.02
N LEU B 464 14.38 -7.20 16.35
CA LEU B 464 13.85 -6.74 17.60
C LEU B 464 14.49 -7.49 18.77
N ALA B 465 14.80 -8.76 18.58
CA ALA B 465 15.40 -9.54 19.65
C ALA B 465 16.71 -8.88 20.08
N VAL B 466 17.52 -8.52 19.11
CA VAL B 466 18.79 -7.88 19.40
C VAL B 466 18.55 -6.53 20.05
N GLU B 467 17.45 -5.88 19.71
CA GLU B 467 17.17 -4.58 20.30
C GLU B 467 16.73 -4.74 21.77
N TYR B 468 15.93 -5.77 22.05
CA TYR B 468 15.48 -5.99 23.43
C TYR B 468 16.68 -6.35 24.33
N LEU B 469 17.60 -7.14 23.79
CA LEU B 469 18.76 -7.52 24.56
C LEU B 469 19.63 -6.31 24.85
N ALA B 470 19.83 -5.47 23.82
CA ALA B 470 20.63 -4.26 23.96
C ALA B 470 20.00 -3.29 24.97
N ALA B 471 18.71 -3.05 24.86
CA ALA B 471 18.04 -2.14 25.78
C ALA B 471 18.22 -2.64 27.22
N ALA B 472 17.84 -3.88 27.49
CA ALA B 472 17.98 -4.44 28.83
C ALA B 472 19.42 -4.29 29.33
N GLN B 473 20.39 -4.52 28.44
CA GLN B 473 21.80 -4.40 28.78
C GLN B 473 22.15 -2.95 29.09
N ALA B 474 21.54 -2.04 28.34
CA ALA B 474 21.78 -0.61 28.52
C ALA B 474 21.27 -0.15 29.88
N VAL B 475 20.25 -0.84 30.39
CA VAL B 475 19.70 -0.50 31.67
C VAL B 475 20.65 -0.82 32.83
N ASP B 476 21.11 -2.06 32.93
CA ASP B 476 22.01 -2.39 34.03
C ASP B 476 23.37 -1.73 33.92
N ILE B 477 23.88 -1.54 32.71
CA ILE B 477 25.18 -0.90 32.53
C ILE B 477 25.16 0.53 33.09
N SER B 478 24.00 1.17 33.02
CA SER B 478 23.85 2.53 33.52
C SER B 478 23.20 2.57 34.89
N GLY B 479 22.91 1.40 35.46
CA GLY B 479 22.25 1.35 36.75
C GLY B 479 21.01 2.22 36.82
N ARG B 480 20.21 2.22 35.75
CA ARG B 480 19.00 3.04 35.70
C ARG B 480 17.69 2.29 35.89
N PHE B 481 17.78 1.06 36.41
CA PHE B 481 16.58 0.26 36.63
C PHE B 481 15.53 0.88 37.54
N ASP B 482 15.96 1.51 38.63
CA ASP B 482 15.01 2.10 39.57
C ASP B 482 14.25 3.30 39.03
N GLY B 483 14.75 3.90 37.97
CA GLY B 483 14.07 5.05 37.39
C GLY B 483 13.09 4.68 36.29
N LEU B 484 13.08 3.42 35.88
CA LEU B 484 12.17 2.99 34.81
C LEU B 484 10.71 3.06 35.22
N SER B 485 9.85 3.34 34.24
CA SER B 485 8.42 3.39 34.48
C SER B 485 7.97 1.98 34.82
N PRO B 486 6.69 1.83 35.19
CA PRO B 486 6.17 0.49 35.51
C PRO B 486 6.28 -0.45 34.31
N ALA B 487 5.92 0.05 33.13
CA ALA B 487 5.98 -0.78 31.93
C ALA B 487 7.42 -1.14 31.55
N ALA B 488 8.34 -0.18 31.66
CA ALA B 488 9.74 -0.42 31.32
C ALA B 488 10.36 -1.46 32.26
N LYS B 489 9.95 -1.47 33.53
CA LYS B 489 10.49 -2.46 34.46
C LYS B 489 9.97 -3.83 34.04
N ALA B 490 8.71 -3.87 33.62
CA ALA B 490 8.09 -5.11 33.18
C ALA B 490 8.81 -5.66 31.95
N THR B 491 9.06 -4.80 30.97
CA THR B 491 9.75 -5.20 29.75
C THR B 491 11.13 -5.78 30.10
N TYR B 492 11.88 -5.03 30.89
CA TYR B 492 13.21 -5.41 31.33
C TYR B 492 13.21 -6.78 32.02
N GLU B 493 12.37 -6.95 33.02
CA GLU B 493 12.30 -8.22 33.75
C GLU B 493 11.90 -9.35 32.84
N ALA B 494 11.11 -9.04 31.82
CA ALA B 494 10.68 -10.05 30.87
C ALA B 494 11.89 -10.52 30.06
N VAL B 495 12.75 -9.58 29.68
CA VAL B 495 13.96 -9.93 28.93
C VAL B 495 14.91 -10.70 29.82
N ARG B 496 15.21 -10.14 30.99
CA ARG B 496 16.13 -10.73 31.96
C ARG B 496 15.67 -12.10 32.47
N ARG B 497 14.40 -12.41 32.28
CA ARG B 497 13.89 -13.71 32.69
C ARG B 497 14.36 -14.78 31.69
N LEU B 498 14.64 -14.34 30.45
CA LEU B 498 15.09 -15.24 29.39
C LEU B 498 16.60 -15.26 29.24
N VAL B 499 17.20 -14.08 29.23
CA VAL B 499 18.64 -13.93 29.06
C VAL B 499 19.27 -13.07 30.16
N PRO B 500 20.40 -13.54 30.72
CA PRO B 500 21.12 -12.82 31.78
C PRO B 500 21.86 -11.61 31.22
N THR B 501 22.16 -10.67 32.11
CA THR B 501 22.89 -9.47 31.76
C THR B 501 24.22 -9.93 31.12
N LEU B 502 24.82 -9.11 30.26
CA LEU B 502 26.07 -9.49 29.60
C LEU B 502 27.33 -9.06 30.35
N GLY B 503 27.94 -10.00 31.08
CA GLY B 503 29.15 -9.70 31.81
C GLY B 503 30.30 -9.81 30.83
N VAL B 504 30.96 -10.97 30.82
CA VAL B 504 32.05 -11.18 29.88
C VAL B 504 31.45 -11.61 28.55
N ASP B 505 32.19 -11.44 27.46
CA ASP B 505 31.69 -11.83 26.16
C ASP B 505 31.30 -13.30 26.20
N ARG B 506 30.28 -13.68 25.44
CA ARG B 506 29.84 -15.06 25.39
C ARG B 506 29.05 -15.33 24.12
N TYR B 507 28.83 -16.61 23.84
CA TYR B 507 28.07 -17.06 22.67
C TYR B 507 26.71 -16.35 22.71
N MET B 508 26.36 -15.60 21.68
CA MET B 508 25.11 -14.83 21.64
C MET B 508 23.95 -15.47 20.85
N ALA B 509 24.28 -16.29 19.87
CA ALA B 509 23.28 -16.93 19.02
C ALA B 509 22.06 -17.46 19.74
N ASP B 510 22.27 -18.22 20.82
CA ASP B 510 21.15 -18.77 21.57
C ASP B 510 20.36 -17.68 22.29
N ASP B 511 21.06 -16.69 22.85
CA ASP B 511 20.36 -15.62 23.56
C ASP B 511 19.42 -14.86 22.62
N ILE B 512 19.84 -14.71 21.38
CA ILE B 512 19.02 -13.99 20.41
C ILE B 512 17.81 -14.78 19.91
N GLU B 513 17.99 -16.07 19.63
CA GLU B 513 16.89 -16.90 19.14
C GLU B 513 15.87 -17.12 20.25
N LEU B 514 16.31 -16.97 21.49
CA LEU B 514 15.42 -17.14 22.62
C LEU B 514 14.45 -15.96 22.69
N VAL B 515 14.99 -14.74 22.64
CA VAL B 515 14.14 -13.54 22.69
C VAL B 515 13.29 -13.43 21.41
N ALA B 516 13.84 -13.88 20.28
CA ALA B 516 13.12 -13.82 19.01
C ALA B 516 11.84 -14.67 19.09
N ASP B 517 11.96 -15.85 19.68
CA ASP B 517 10.82 -16.74 19.84
C ASP B 517 9.81 -16.10 20.79
N ALA B 518 10.30 -15.53 21.89
CA ALA B 518 9.42 -14.86 22.84
C ALA B 518 8.63 -13.78 22.12
N LEU B 519 9.27 -13.09 21.18
CA LEU B 519 8.62 -12.02 20.40
C LEU B 519 7.60 -12.59 19.40
N SER B 520 7.90 -13.73 18.79
CA SER B 520 6.98 -14.30 17.81
C SER B 520 5.68 -14.78 18.46
N ARG B 521 5.67 -14.94 19.79
CA ARG B 521 4.45 -15.37 20.46
C ARG B 521 3.85 -14.32 21.39
N GLY B 522 4.15 -13.05 21.10
CA GLY B 522 3.62 -11.94 21.88
C GLY B 522 3.96 -11.90 23.37
N GLU B 523 5.06 -12.53 23.76
CA GLU B 523 5.45 -12.55 25.17
C GLU B 523 5.58 -11.17 25.83
N PHE B 524 6.27 -10.26 25.15
CA PHE B 524 6.49 -8.92 25.69
C PHE B 524 5.22 -8.09 25.75
N LEU B 525 4.30 -8.36 24.84
CA LEU B 525 3.03 -7.66 24.80
C LEU B 525 2.15 -8.21 25.94
N ARG B 526 2.44 -9.45 26.33
CA ARG B 526 1.71 -10.12 27.41
C ARG B 526 2.26 -9.63 28.76
N ALA B 527 3.57 -9.43 28.83
CA ALA B 527 4.18 -8.97 30.07
C ALA B 527 3.53 -7.67 30.49
N ILE B 528 3.31 -6.79 29.52
CA ILE B 528 2.69 -5.50 29.83
C ILE B 528 1.23 -5.65 30.25
N ALA B 529 0.52 -6.60 29.65
CA ALA B 529 -0.87 -6.82 30.02
C ALA B 529 -1.03 -7.37 31.43
N ARG B 530 -0.06 -8.16 31.88
CA ARG B 530 -0.11 -8.76 33.22
C ARG B 530 0.66 -8.02 34.31
N GLU B 531 1.38 -6.97 33.96
CA GLU B 531 2.17 -6.25 34.97
C GLU B 531 1.78 -4.79 35.10
N THR B 532 1.00 -4.29 34.16
CA THR B 532 0.57 -2.90 34.19
C THR B 532 -0.91 -2.82 33.92
N ASP B 533 -1.46 -1.62 34.06
CA ASP B 533 -2.87 -1.36 33.82
C ASP B 533 -3.00 -0.77 32.41
N ILE B 534 -1.91 -0.80 31.66
CA ILE B 534 -1.84 -0.25 30.30
C ILE B 534 -2.63 -1.02 29.22
N GLN B 535 -3.43 -0.28 28.46
CA GLN B 535 -4.20 -0.87 27.36
C GLN B 535 -3.55 -0.35 26.09
N LEU B 536 -2.85 -1.21 25.34
CA LEU B 536 -2.18 -0.76 24.12
C LEU B 536 -3.10 -0.84 22.89
N ARG B 537 -3.04 0.21 22.07
CA ARG B 537 -3.84 0.25 20.85
C ARG B 537 -3.27 -0.70 19.80
C1 296 C . 21.72 20.60 8.37
O2 296 C . 20.80 19.93 7.50
C3 296 C . 19.57 19.88 8.07
C4 296 C . 19.23 18.81 8.88
C5 296 C . 17.97 18.75 9.47
C6 296 C . 18.64 20.88 7.83
C7 296 C . 17.38 20.83 8.41
C8 296 C . 17.04 19.76 9.24
C9 296 C . 15.66 19.72 9.90
N10 296 C . 14.67 19.20 8.95
C11 296 C . 15.72 18.81 11.13
C12 296 C . 14.50 19.09 12.03
O13 296 C . 13.74 20.07 11.86
O14 296 C . 14.29 18.28 12.95
F1 296 C . 16.85 19.05 11.82
F2 296 C . 15.69 17.52 10.74
C1 296 D . -6.80 -25.52 -15.80
O2 296 D . -6.26 -24.80 -14.69
C3 296 D . -7.23 -24.02 -14.15
C4 296 D . -7.42 -22.71 -14.60
C5 296 D . -8.42 -21.92 -14.05
C6 296 D . -8.06 -24.52 -13.16
C7 296 D . -9.07 -23.73 -12.60
C8 296 D . -9.25 -22.43 -13.07
C9 296 D . -10.39 -21.60 -12.48
N10 296 D . -9.94 -20.95 -11.25
C11 296 D . -10.80 -20.53 -13.50
C12 296 D . -12.19 -19.97 -13.13
O13 296 D . -12.92 -20.51 -12.27
O14 296 D . -12.59 -18.97 -13.76
F1 296 D . -10.85 -21.08 -14.73
F2 296 D . -9.90 -19.52 -13.49
#